data_3VR0
#
_entry.id   3VR0
#
_cell.length_a   115.6
_cell.length_b   156.4
_cell.length_c   153.0
_cell.angle_alpha   90.0
_cell.angle_beta   90.0
_cell.angle_gamma   90.0
#
_symmetry.space_group_name_H-M   'C 2 2 21'
#
loop_
_entity.id
_entity.type
_entity.pdbx_description
1 polymer 'Putative uncharacterized protein'
2 non-polymer 'GOLD ION'
3 water water
#
_entity_poly.entity_id   1
_entity_poly.type   'polypeptide(L)'
_entity_poly.pdbx_seq_one_letter_code
;GSHMEEGGTRNREEGKMKETTIVVYERPDIYDPIFIEGLPGIGLVGKLAAEHLIQELKAKKFAELYSPHFMHQVLIRKNS
VVELMKNEFYYWKSPDDEHRDLIIVTGDTQVPPTDSYGHFEVAGKMLDFVQEFGTREIITMGGYQVPEIQGEPRVLAAVT
HEDLIEYYKSKLEGCSVEVIWREDEGGAIVGAAGLLLGIGKLRGMFGISLLGESLGYIVDAKAAKAVLSAVTKILGLEID
MTALDERAKETEEILRKVEEMQRAMMEQVTPKLPHEEEDRGYL
;
_entity_poly.pdbx_strand_id   A,B,C,D
#
loop_
_chem_comp.id
_chem_comp.type
_chem_comp.name
_chem_comp.formula
AU non-polymer 'GOLD ION' 'Au 1'
#
# COMPACT_ATOMS: atom_id res chain seq x y z
N MET A 17 4.62 9.06 -16.70
CA MET A 17 4.48 9.03 -15.21
C MET A 17 4.41 7.58 -14.68
N LYS A 18 5.26 6.72 -15.25
CA LYS A 18 5.31 5.31 -14.81
C LYS A 18 6.18 5.21 -13.55
N GLU A 19 7.04 6.21 -13.41
CA GLU A 19 8.03 6.23 -12.39
C GLU A 19 8.28 7.70 -12.06
N THR A 20 8.93 7.96 -10.92
CA THR A 20 9.41 9.29 -10.61
C THR A 20 10.28 9.83 -11.70
N THR A 21 10.04 11.06 -12.11
CA THR A 21 10.72 11.56 -13.28
C THR A 21 11.26 12.96 -13.07
N ILE A 22 12.40 13.25 -13.69
CA ILE A 22 12.91 14.61 -13.63
C ILE A 22 12.92 15.25 -15.04
N VAL A 23 12.44 16.49 -15.13
CA VAL A 23 12.49 17.27 -16.36
C VAL A 23 13.61 18.28 -16.25
N VAL A 24 14.55 18.23 -17.20
CA VAL A 24 15.71 19.09 -17.13
C VAL A 24 15.52 20.25 -18.09
N TYR A 25 15.56 21.48 -17.58
CA TYR A 25 15.41 22.69 -18.45
C TYR A 25 16.79 23.28 -18.80
N GLU A 26 17.75 23.02 -17.92
CA GLU A 26 19.07 23.61 -18.06
C GLU A 26 20.10 22.71 -17.38
N ARG A 27 21.31 22.58 -17.97
CA ARG A 27 22.43 21.91 -17.36
C ARG A 27 23.51 22.95 -17.05
N PRO A 28 23.49 23.52 -15.84
CA PRO A 28 24.37 24.65 -15.64
C PRO A 28 25.84 24.21 -15.54
N ASP A 29 26.74 25.16 -15.72
CA ASP A 29 28.15 24.89 -15.69
C ASP A 29 28.60 25.01 -14.22
N ILE A 30 28.21 24.01 -13.44
CA ILE A 30 28.62 23.88 -12.05
C ILE A 30 29.25 22.53 -11.91
N TYR A 31 30.10 22.37 -10.89
CA TYR A 31 30.75 21.07 -10.69
C TYR A 31 31.11 20.89 -9.22
N ASP A 32 31.01 19.64 -8.72
CA ASP A 32 31.21 19.39 -7.26
C ASP A 32 30.36 20.36 -6.41
N PRO A 33 29.10 20.60 -6.81
CA PRO A 33 28.35 21.44 -5.89
C PRO A 33 28.02 20.72 -4.56
N ILE A 34 27.56 21.50 -3.59
CA ILE A 34 26.94 20.94 -2.38
C ILE A 34 25.46 20.91 -2.67
N PHE A 35 24.83 19.76 -2.40
CA PHE A 35 23.40 19.58 -2.59
C PHE A 35 22.72 19.96 -1.28
N ILE A 36 21.93 21.01 -1.31
CA ILE A 36 21.16 21.41 -0.13
C ILE A 36 19.67 21.05 -0.26
N GLU A 37 19.10 20.39 0.74
CA GLU A 37 17.72 20.00 0.69
C GLU A 37 16.90 20.73 1.75
N GLY A 38 15.82 21.37 1.31
CA GLY A 38 14.75 21.91 2.18
C GLY A 38 13.33 21.62 1.67
N LEU A 39 12.86 20.41 1.91
CA LEU A 39 11.49 19.99 1.49
C LEU A 39 10.55 20.16 2.71
N PRO A 40 9.21 20.12 2.50
CA PRO A 40 8.29 20.26 3.62
C PRO A 40 8.49 19.21 4.66
N GLY A 41 8.32 19.63 5.92
CA GLY A 41 8.62 18.80 7.06
C GLY A 41 8.25 19.59 8.30
N ILE A 42 8.74 19.12 9.46
CA ILE A 42 8.35 19.75 10.75
C ILE A 42 8.55 21.29 10.78
N GLY A 43 7.49 22.03 11.10
CA GLY A 43 7.57 23.49 11.19
C GLY A 43 7.72 24.21 9.86
N LEU A 44 7.79 23.45 8.76
CA LEU A 44 8.23 23.97 7.48
C LEU A 44 9.65 24.61 7.57
N VAL A 45 10.44 24.14 8.51
CA VAL A 45 11.74 24.70 8.78
C VAL A 45 12.68 24.62 7.56
N GLY A 46 12.89 23.41 7.04
CA GLY A 46 13.75 23.24 5.90
C GLY A 46 13.28 24.00 4.69
N LYS A 47 11.97 23.99 4.47
CA LYS A 47 11.38 24.63 3.32
C LYS A 47 11.56 26.13 3.34
N LEU A 48 11.24 26.75 4.46
CA LEU A 48 11.48 28.20 4.60
C LEU A 48 12.99 28.57 4.47
N ALA A 49 13.86 27.78 5.08
CA ALA A 49 15.31 28.02 4.97
C ALA A 49 15.71 27.99 3.48
N ALA A 50 15.29 26.94 2.78
CA ALA A 50 15.66 26.78 1.37
C ALA A 50 15.13 27.91 0.50
N GLU A 51 13.86 28.25 0.69
CA GLU A 51 13.25 29.30 -0.11
C GLU A 51 13.97 30.62 0.12
N HIS A 52 14.27 30.91 1.39
CA HIS A 52 14.96 32.16 1.68
C HIS A 52 16.38 32.14 1.08
N LEU A 53 17.07 30.99 1.17
CA LEU A 53 18.38 30.90 0.54
C LEU A 53 18.31 31.12 -0.95
N ILE A 54 17.37 30.45 -1.61
CA ILE A 54 17.17 30.60 -3.03
C ILE A 54 16.96 32.08 -3.39
N GLN A 55 16.06 32.74 -2.68
CA GLN A 55 15.73 34.12 -2.97
C GLN A 55 16.94 35.03 -2.82
N GLU A 56 17.67 34.90 -1.72
CA GLU A 56 18.79 35.79 -1.43
C GLU A 56 20.02 35.59 -2.37
N LEU A 57 20.29 34.34 -2.77
CA LEU A 57 21.34 34.05 -3.74
C LEU A 57 20.91 34.34 -5.17
N LYS A 58 19.61 34.57 -5.37
CA LYS A 58 19.01 34.59 -6.70
C LYS A 58 19.33 33.33 -7.47
N ALA A 59 19.20 32.19 -6.80
CA ALA A 59 19.52 30.92 -7.46
C ALA A 59 18.52 30.73 -8.59
N LYS A 60 18.87 29.90 -9.56
CA LYS A 60 18.07 29.75 -10.75
C LYS A 60 17.55 28.32 -10.92
N LYS A 61 16.26 28.19 -11.18
CA LYS A 61 15.65 26.88 -11.39
C LYS A 61 16.19 26.26 -12.64
N PHE A 62 16.42 24.95 -12.62
CA PHE A 62 16.92 24.25 -13.78
C PHE A 62 16.32 22.89 -14.02
N ALA A 63 15.56 22.39 -13.04
CA ALA A 63 14.91 21.06 -13.15
C ALA A 63 13.76 20.91 -12.18
N GLU A 64 12.87 19.96 -12.50
CA GLU A 64 11.67 19.72 -11.70
C GLU A 64 11.48 18.26 -11.56
N LEU A 65 11.07 17.79 -10.38
CA LEU A 65 10.81 16.38 -10.21
C LEU A 65 9.31 16.16 -10.03
N TYR A 66 8.77 15.18 -10.75
CA TYR A 66 7.37 14.76 -10.56
C TYR A 66 7.33 13.29 -10.16
N SER A 67 6.34 12.88 -9.38
CA SER A 67 6.30 11.51 -8.96
C SER A 67 4.88 11.01 -8.85
N PRO A 68 4.64 9.78 -9.34
CA PRO A 68 3.30 9.19 -9.18
C PRO A 68 3.14 8.63 -7.75
N HIS A 69 4.17 8.80 -6.90
CA HIS A 69 4.05 8.45 -5.50
C HIS A 69 3.62 9.66 -4.66
N PHE A 70 3.60 10.83 -5.27
CA PHE A 70 3.08 11.99 -4.56
C PHE A 70 1.55 11.85 -4.52
N MET A 71 0.93 12.61 -3.61
CA MET A 71 -0.50 12.62 -3.45
C MET A 71 -1.18 12.92 -4.81
N HIS A 72 -2.33 12.26 -5.07
CA HIS A 72 -2.97 12.28 -6.38
C HIS A 72 -3.85 13.51 -6.58
N GLN A 73 -3.20 14.68 -6.60
CA GLN A 73 -3.92 15.92 -6.75
C GLN A 73 -3.08 16.88 -7.59
N VAL A 74 -3.74 17.88 -8.18
CA VAL A 74 -3.00 19.08 -8.63
C VAL A 74 -3.20 20.20 -7.62
N LEU A 75 -2.32 21.20 -7.63
CA LEU A 75 -2.50 22.35 -6.74
C LEU A 75 -2.83 23.57 -7.57
N ILE A 76 -3.51 24.54 -6.96
CA ILE A 76 -3.73 25.84 -7.61
C ILE A 76 -2.47 26.70 -7.39
N ARG A 77 -1.89 27.18 -8.46
CA ARG A 77 -0.80 28.16 -8.41
C ARG A 77 -1.46 29.54 -8.58
N LYS A 78 -0.66 30.60 -8.70
CA LYS A 78 -1.16 31.96 -9.00
C LYS A 78 -1.89 32.00 -10.31
N ASN A 79 -2.81 32.95 -10.39
CA ASN A 79 -3.53 33.23 -11.62
C ASN A 79 -4.28 32.00 -12.17
N SER A 80 -4.92 31.23 -11.28
CA SER A 80 -5.87 30.16 -11.69
C SER A 80 -5.27 29.01 -12.52
N VAL A 81 -3.98 28.68 -12.32
CA VAL A 81 -3.30 27.64 -13.06
C VAL A 81 -3.21 26.37 -12.15
N VAL A 82 -3.46 25.21 -12.75
CA VAL A 82 -3.24 23.99 -12.00
C VAL A 82 -1.93 23.35 -12.43
N GLU A 83 -1.30 22.66 -11.47
CA GLU A 83 -0.09 21.90 -11.67
C GLU A 83 0.01 20.68 -10.71
N LEU A 84 0.62 19.58 -11.19
CA LEU A 84 1.00 18.45 -10.32
C LEU A 84 1.84 18.95 -9.17
N MET A 85 1.78 18.27 -8.04
CA MET A 85 2.78 18.52 -6.99
C MET A 85 4.16 18.14 -7.54
N LYS A 86 5.17 18.86 -7.13
CA LYS A 86 6.50 18.69 -7.71
C LYS A 86 7.57 19.10 -6.75
N ASN A 87 8.80 18.79 -7.09
CA ASN A 87 9.93 19.38 -6.39
C ASN A 87 10.73 20.13 -7.44
N GLU A 88 11.48 21.14 -7.00
CA GLU A 88 12.28 21.96 -7.91
C GLU A 88 13.75 22.06 -7.51
N PHE A 89 14.62 22.00 -8.51
CA PHE A 89 16.06 22.15 -8.27
C PHE A 89 16.49 23.54 -8.73
N TYR A 90 17.30 24.21 -7.91
CA TYR A 90 17.84 25.52 -8.23
C TYR A 90 19.35 25.44 -8.17
N TYR A 91 20.04 26.19 -9.02
CA TYR A 91 21.49 26.26 -8.87
C TYR A 91 22.02 27.65 -8.52
N TRP A 92 23.19 27.65 -7.89
CA TRP A 92 23.96 28.86 -7.68
C TRP A 92 25.39 28.60 -8.10
N LYS A 93 25.88 29.36 -9.06
CA LYS A 93 27.25 29.19 -9.57
C LYS A 93 28.13 30.10 -8.77
N SER A 94 29.11 29.56 -8.06
CA SER A 94 29.97 30.47 -7.27
C SER A 94 30.74 31.42 -8.21
N PRO A 95 30.82 32.71 -7.86
CA PRO A 95 31.63 33.65 -8.67
C PRO A 95 33.14 33.59 -8.41
N ASP A 96 33.57 32.79 -7.43
CA ASP A 96 34.97 32.74 -7.03
C ASP A 96 35.38 31.36 -6.55
N ASP A 97 36.69 31.17 -6.35
CA ASP A 97 37.28 29.86 -6.00
C ASP A 97 37.18 29.50 -4.53
N GLU A 98 36.70 30.43 -3.72
CA GLU A 98 36.60 30.19 -2.29
C GLU A 98 35.20 29.83 -1.74
N HIS A 99 34.19 29.81 -2.62
CA HIS A 99 32.85 29.27 -2.31
C HIS A 99 32.40 28.15 -3.27
N ARG A 100 31.60 27.20 -2.76
CA ARG A 100 31.13 26.10 -3.59
C ARG A 100 29.92 26.44 -4.44
N ASP A 101 29.85 25.84 -5.61
CA ASP A 101 28.58 25.82 -6.35
C ASP A 101 27.50 25.10 -5.52
N LEU A 102 26.24 25.48 -5.74
CA LEU A 102 25.14 24.84 -5.01
C LEU A 102 24.04 24.30 -5.91
N ILE A 103 23.48 23.15 -5.51
CA ILE A 103 22.13 22.72 -5.97
C ILE A 103 21.22 22.70 -4.73
N ILE A 104 20.10 23.38 -4.83
CA ILE A 104 19.14 23.46 -3.76
C ILE A 104 17.85 22.80 -4.25
N VAL A 105 17.35 21.83 -3.48
CA VAL A 105 16.04 21.28 -3.81
C VAL A 105 15.01 21.72 -2.78
N THR A 106 13.88 22.14 -3.32
CA THR A 106 12.70 22.38 -2.52
C THR A 106 11.43 21.88 -3.26
N GLY A 107 10.25 22.14 -2.71
CA GLY A 107 9.02 21.67 -3.38
C GLY A 107 7.75 21.65 -2.56
N ASP A 108 6.69 21.07 -3.14
CA ASP A 108 5.33 21.14 -2.63
C ASP A 108 5.17 20.18 -1.49
N THR A 109 5.89 19.07 -1.55
CA THR A 109 5.49 17.91 -0.73
C THR A 109 6.58 16.86 -0.68
N GLN A 110 6.43 15.90 0.23
CA GLN A 110 7.15 14.62 0.13
C GLN A 110 6.13 13.50 -0.11
N VAL A 111 6.59 12.32 -0.51
CA VAL A 111 5.75 11.15 -0.53
C VAL A 111 4.95 11.00 0.80
N PRO A 112 3.67 10.54 0.74
CA PRO A 112 2.92 10.41 2.00
C PRO A 112 3.53 9.38 2.96
N PRO A 113 3.18 9.48 4.26
CA PRO A 113 3.75 8.61 5.30
C PRO A 113 3.50 7.12 5.07
N THR A 114 2.55 6.76 4.22
CA THR A 114 2.13 5.35 4.07
C THR A 114 2.87 4.63 2.96
N ASP A 115 3.75 5.31 2.24
CA ASP A 115 4.39 4.66 1.10
C ASP A 115 5.92 4.80 1.23
N SER A 116 6.55 3.87 1.96
CA SER A 116 7.99 3.96 2.19
C SER A 116 8.81 3.78 0.91
N TYR A 117 8.43 2.79 0.13
CA TYR A 117 9.06 2.55 -1.12
C TYR A 117 9.16 3.84 -1.98
N GLY A 118 8.08 4.62 -2.03
CA GLY A 118 8.11 5.84 -2.83
C GLY A 118 9.16 6.83 -2.32
N HIS A 119 9.42 6.86 -1.02
CA HIS A 119 10.40 7.83 -0.46
C HIS A 119 11.75 7.44 -0.95
N PHE A 120 11.99 6.13 -1.00
CA PHE A 120 13.26 5.62 -1.52
C PHE A 120 13.42 5.90 -2.99
N GLU A 121 12.32 5.73 -3.74
CA GLU A 121 12.44 5.98 -5.16
C GLU A 121 12.71 7.46 -5.45
N VAL A 122 12.05 8.37 -4.74
CA VAL A 122 12.17 9.76 -5.02
C VAL A 122 13.60 10.20 -4.59
N ALA A 123 14.00 9.85 -3.37
CA ALA A 123 15.36 10.16 -2.88
C ALA A 123 16.46 9.62 -3.84
N GLY A 124 16.33 8.37 -4.28
CA GLY A 124 17.30 7.81 -5.24
C GLY A 124 17.38 8.57 -6.56
N LYS A 125 16.22 8.96 -7.10
CA LYS A 125 16.20 9.75 -8.34
C LYS A 125 16.87 11.13 -8.17
N MET A 126 16.65 11.78 -7.04
CA MET A 126 17.34 13.07 -6.74
C MET A 126 18.85 12.89 -6.73
N LEU A 127 19.31 11.83 -6.10
CA LEU A 127 20.72 11.61 -5.98
C LEU A 127 21.30 11.25 -7.36
N ASP A 128 20.65 10.37 -8.12
CA ASP A 128 21.11 10.12 -9.51
C ASP A 128 21.30 11.46 -10.23
N PHE A 129 20.34 12.37 -10.10
CA PHE A 129 20.43 13.58 -10.86
C PHE A 129 21.58 14.49 -10.40
N VAL A 130 21.69 14.75 -9.09
CA VAL A 130 22.77 15.61 -8.64
C VAL A 130 24.16 15.02 -8.89
N GLN A 131 24.28 13.70 -8.87
CA GLN A 131 25.55 13.07 -9.17
C GLN A 131 26.05 13.38 -10.61
N GLU A 132 25.15 13.76 -11.52
CA GLU A 132 25.54 14.09 -12.87
C GLU A 132 26.39 15.36 -12.92
N PHE A 133 26.33 16.17 -11.86
CA PHE A 133 27.15 17.39 -11.77
C PHE A 133 28.40 17.21 -10.88
N GLY A 134 28.73 15.97 -10.54
CA GLY A 134 29.83 15.63 -9.65
C GLY A 134 29.57 15.86 -8.16
N THR A 135 28.29 15.90 -7.76
CA THR A 135 27.89 16.11 -6.36
C THR A 135 28.28 14.95 -5.50
N ARG A 136 29.01 15.24 -4.43
CA ARG A 136 29.37 14.19 -3.47
C ARG A 136 28.80 14.60 -2.09
N GLU A 137 28.59 15.90 -1.89
CA GLU A 137 28.32 16.47 -0.56
C GLU A 137 26.91 17.00 -0.42
N ILE A 138 26.28 16.69 0.70
CA ILE A 138 24.87 16.99 0.92
C ILE A 138 24.63 17.65 2.27
N ILE A 139 23.82 18.70 2.30
CA ILE A 139 23.39 19.28 3.57
C ILE A 139 21.88 19.21 3.58
N THR A 140 21.31 18.45 4.52
CA THR A 140 19.85 18.44 4.63
C THR A 140 19.43 19.35 5.80
N MET A 141 18.36 20.12 5.57
CA MET A 141 17.77 21.03 6.53
C MET A 141 16.37 20.54 6.91
N GLY A 142 15.99 20.64 8.18
CA GLY A 142 14.62 20.36 8.60
C GLY A 142 14.40 20.73 10.05
N GLY A 143 13.37 20.12 10.66
CA GLY A 143 12.97 20.43 12.01
C GLY A 143 13.01 19.20 12.89
N TYR A 144 13.10 19.47 14.20
CA TYR A 144 13.13 18.46 15.25
C TYR A 144 12.03 18.88 16.22
N GLN A 145 10.99 18.07 16.37
CA GLN A 145 9.82 18.51 17.13
C GLN A 145 10.07 18.47 18.65
N VAL A 146 9.84 19.59 19.32
CA VAL A 146 10.03 19.65 20.80
C VAL A 146 8.72 20.10 21.50
N PRO A 147 8.52 19.70 22.78
CA PRO A 147 7.25 20.15 23.39
C PRO A 147 7.29 21.63 23.74
N GLU A 148 8.48 22.16 24.04
CA GLU A 148 8.62 23.60 24.26
C GLU A 148 10.00 24.10 23.93
N ILE A 149 10.08 25.37 23.58
CA ILE A 149 11.38 26.00 23.41
C ILE A 149 11.47 27.22 24.34
N GLN A 150 12.36 27.19 25.30
CA GLN A 150 12.68 28.41 26.01
C GLN A 150 14.10 28.77 25.61
N GLY A 151 14.29 29.99 25.12
CA GLY A 151 15.60 30.45 24.64
C GLY A 151 15.61 30.59 23.12
N GLU A 152 16.81 30.56 22.55
CA GLU A 152 16.91 30.42 21.10
C GLU A 152 16.79 28.95 20.69
N PRO A 153 16.18 28.66 19.53
CA PRO A 153 16.12 27.26 19.13
C PRO A 153 17.52 26.77 18.84
N ARG A 154 17.83 25.58 19.32
CA ARG A 154 19.05 24.91 18.94
C ARG A 154 18.89 24.12 17.62
N VAL A 155 20.03 23.85 16.98
CA VAL A 155 20.14 23.03 15.79
C VAL A 155 20.85 21.72 16.12
N LEU A 156 20.20 20.61 15.80
CA LEU A 156 20.78 19.30 16.07
C LEU A 156 21.48 18.81 14.82
N ALA A 157 22.70 18.31 15.00
CA ALA A 157 23.56 17.91 13.87
C ALA A 157 23.87 16.43 13.92
N ALA A 158 23.95 15.82 12.74
CA ALA A 158 24.39 14.43 12.60
C ALA A 158 25.04 14.34 11.23
N VAL A 159 25.95 13.38 11.02
CA VAL A 159 26.74 13.31 9.81
C VAL A 159 26.75 11.88 9.32
N THR A 160 27.18 11.67 8.07
CA THR A 160 27.28 10.34 7.50
C THR A 160 28.51 9.57 7.92
N HIS A 161 29.56 10.27 8.35
CA HIS A 161 30.89 9.65 8.66
C HIS A 161 31.50 10.37 9.87
N GLU A 162 31.93 9.60 10.87
CA GLU A 162 32.51 10.21 12.07
C GLU A 162 33.56 11.31 11.77
N ASP A 163 34.44 11.10 10.79
CA ASP A 163 35.44 12.11 10.58
C ASP A 163 34.89 13.43 10.12
N LEU A 164 33.58 13.49 9.88
CA LEU A 164 33.00 14.77 9.42
C LEU A 164 32.61 15.66 10.60
N ILE A 165 32.57 15.09 11.79
CA ILE A 165 32.23 15.98 12.94
C ILE A 165 33.17 17.19 13.02
N GLU A 166 34.50 16.94 13.01
CA GLU A 166 35.50 18.02 13.16
C GLU A 166 35.43 18.91 11.99
N TYR A 167 35.22 18.27 10.84
CA TYR A 167 35.12 19.04 9.61
C TYR A 167 34.05 20.12 9.67
N TYR A 168 32.80 19.77 9.98
CA TYR A 168 31.76 20.80 10.00
C TYR A 168 31.84 21.64 11.29
N LYS A 169 32.30 21.05 12.39
CA LYS A 169 32.59 21.87 13.62
C LYS A 169 33.54 23.02 13.37
N SER A 170 34.65 22.80 12.68
CA SER A 170 35.55 23.96 12.32
C SER A 170 34.84 24.99 11.49
N LYS A 171 34.04 24.50 10.54
CA LYS A 171 33.36 25.44 9.68
C LYS A 171 32.29 26.18 10.46
N LEU A 172 31.81 25.57 11.55
CA LEU A 172 30.77 26.22 12.38
C LEU A 172 31.35 27.18 13.46
N GLU A 173 32.66 27.11 13.68
CA GLU A 173 33.32 27.97 14.69
C GLU A 173 33.00 29.43 14.46
N GLY A 174 32.42 30.08 15.46
CA GLY A 174 32.09 31.48 15.38
C GLY A 174 30.61 31.71 15.31
N CYS A 175 29.84 30.66 15.01
CA CYS A 175 28.42 30.83 14.68
C CYS A 175 27.62 31.25 15.92
N SER A 176 26.64 32.14 15.77
CA SER A 176 25.78 32.55 16.92
C SER A 176 24.92 31.39 17.42
N VAL A 177 24.44 30.58 16.46
CA VAL A 177 23.49 29.50 16.70
C VAL A 177 24.17 28.37 17.42
N GLU A 178 23.52 27.84 18.44
CA GLU A 178 24.06 26.73 19.20
C GLU A 178 23.75 25.41 18.47
N VAL A 179 24.81 24.71 18.07
CA VAL A 179 24.71 23.45 17.35
C VAL A 179 25.08 22.33 18.27
N ILE A 180 24.17 21.39 18.44
CA ILE A 180 24.35 20.25 19.30
C ILE A 180 24.64 19.04 18.44
N TRP A 181 25.68 18.29 18.80
CA TRP A 181 25.97 17.01 18.17
C TRP A 181 25.17 15.88 18.82
N ARG A 182 24.14 15.46 18.09
CA ARG A 182 23.17 14.47 18.57
C ARG A 182 23.78 13.22 19.14
N GLU A 183 23.27 12.78 20.28
CA GLU A 183 23.71 11.53 20.89
C GLU A 183 22.54 10.60 21.22
N ASP A 184 21.35 11.00 20.77
CA ASP A 184 20.13 10.20 20.95
C ASP A 184 20.16 8.98 20.04
N GLU A 185 21.08 8.08 20.34
CA GLU A 185 21.23 6.84 19.64
C GLU A 185 19.92 6.10 19.50
N GLY A 186 19.64 5.61 18.28
CA GLY A 186 18.35 4.99 18.02
C GLY A 186 17.23 5.98 17.72
N GLY A 187 17.49 7.28 17.80
CA GLY A 187 16.60 8.30 17.22
C GLY A 187 16.52 8.20 15.69
N ALA A 188 15.56 8.89 15.09
CA ALA A 188 15.24 8.69 13.65
C ALA A 188 15.16 10.02 12.99
N ILE A 189 15.62 10.11 11.74
CA ILE A 189 15.32 11.24 10.85
C ILE A 189 14.48 10.74 9.68
N VAL A 190 13.25 11.21 9.59
CA VAL A 190 12.25 10.64 8.70
C VAL A 190 12.17 11.45 7.39
N GLY A 191 12.07 10.76 6.25
CA GLY A 191 11.89 11.42 4.94
C GLY A 191 13.22 11.84 4.32
N ALA A 192 13.16 12.70 3.30
CA ALA A 192 14.33 13.08 2.50
C ALA A 192 15.53 13.59 3.37
N ALA A 193 15.22 14.30 4.43
CA ALA A 193 16.25 14.91 5.27
C ALA A 193 17.17 13.85 5.87
N GLY A 194 16.63 12.63 5.98
CA GLY A 194 17.42 11.49 6.41
C GLY A 194 17.84 10.57 5.25
N LEU A 195 16.89 10.21 4.39
CA LEU A 195 17.17 9.30 3.26
C LEU A 195 18.21 9.79 2.29
N LEU A 196 18.25 11.08 1.99
CA LEU A 196 19.27 11.51 1.03
C LEU A 196 20.69 11.22 1.57
N LEU A 197 20.89 11.41 2.88
CA LEU A 197 22.19 11.08 3.49
C LEU A 197 22.37 9.58 3.59
N GLY A 198 21.33 8.85 3.98
CA GLY A 198 21.49 7.41 4.24
C GLY A 198 21.73 6.68 2.91
N ILE A 199 20.98 7.09 1.89
CA ILE A 199 21.17 6.47 0.59
C ILE A 199 22.46 7.00 -0.02
N GLY A 200 22.67 8.32 0.12
CA GLY A 200 23.94 8.90 -0.36
C GLY A 200 25.17 8.15 0.13
N LYS A 201 25.21 7.93 1.44
CA LYS A 201 26.29 7.18 2.08
C LYS A 201 26.62 5.86 1.36
N LEU A 202 25.62 5.11 0.88
CA LEU A 202 25.87 3.85 0.13
C LEU A 202 26.52 4.07 -1.25
N ARG A 203 26.46 5.29 -1.75
CA ARG A 203 27.06 5.60 -3.04
C ARG A 203 28.38 6.32 -2.89
N GLY A 204 28.95 6.38 -1.68
CA GLY A 204 30.18 7.19 -1.46
C GLY A 204 29.94 8.68 -1.34
N MET A 205 28.70 9.10 -1.13
CA MET A 205 28.47 10.54 -0.84
C MET A 205 28.54 10.79 0.68
N PHE A 206 28.47 12.04 1.11
CA PHE A 206 28.63 12.28 2.52
C PHE A 206 27.96 13.60 2.82
N GLY A 207 27.77 13.87 4.11
CA GLY A 207 27.30 15.20 4.50
C GLY A 207 26.72 15.23 5.89
N ILE A 208 25.83 16.19 6.10
CA ILE A 208 25.44 16.47 7.44
C ILE A 208 23.93 16.79 7.46
N SER A 209 23.24 16.34 8.50
CA SER A 209 21.86 16.75 8.76
C SER A 209 21.76 17.88 9.80
N LEU A 210 21.10 18.99 9.46
CA LEU A 210 20.82 20.03 10.46
C LEU A 210 19.31 20.24 10.66
N LEU A 211 18.86 19.96 11.89
CA LEU A 211 17.43 20.05 12.29
C LEU A 211 17.22 21.07 13.41
N GLY A 212 16.41 22.06 13.15
CA GLY A 212 16.13 23.10 14.14
C GLY A 212 14.98 22.66 15.03
N GLU A 213 15.16 22.80 16.32
CA GLU A 213 14.08 22.59 17.31
C GLU A 213 12.91 23.45 16.99
N SER A 214 11.73 22.84 16.94
CA SER A 214 10.54 23.58 16.60
C SER A 214 9.31 23.01 17.34
N LEU A 215 8.34 23.87 17.65
CA LEU A 215 7.05 23.36 18.13
C LEU A 215 6.34 22.51 17.05
N GLY A 216 6.46 22.92 15.79
CA GLY A 216 6.11 22.05 14.67
C GLY A 216 4.75 22.25 14.02
N TYR A 217 3.81 22.85 14.74
CA TYR A 217 2.48 23.08 14.21
C TYR A 217 2.30 24.48 13.65
N ILE A 218 3.34 25.30 13.72
CA ILE A 218 3.29 26.59 13.02
C ILE A 218 4.46 26.74 12.05
N VAL A 219 4.29 27.62 11.06
CA VAL A 219 5.35 27.96 10.13
C VAL A 219 6.46 28.68 10.91
N ASP A 220 7.59 27.99 11.12
CA ASP A 220 8.57 28.41 12.10
C ASP A 220 9.82 29.17 11.52
N ALA A 221 9.61 30.46 11.27
CA ALA A 221 10.59 31.32 10.63
C ALA A 221 11.85 31.49 11.46
N LYS A 222 11.67 31.53 12.78
CA LYS A 222 12.77 31.75 13.67
C LYS A 222 13.68 30.54 13.64
N ALA A 223 13.11 29.35 13.68
CA ALA A 223 13.95 28.17 13.63
C ALA A 223 14.57 28.01 12.20
N ALA A 224 13.85 28.40 11.16
CA ALA A 224 14.40 28.44 9.82
C ALA A 224 15.64 29.34 9.72
N LYS A 225 15.59 30.50 10.37
CA LYS A 225 16.74 31.42 10.38
C LYS A 225 17.91 30.76 11.07
N ALA A 226 17.64 30.09 12.19
CA ALA A 226 18.69 29.43 12.89
C ALA A 226 19.38 28.32 12.07
N VAL A 227 18.61 27.53 11.33
CA VAL A 227 19.18 26.43 10.57
C VAL A 227 19.99 27.06 9.42
N LEU A 228 19.40 28.08 8.79
CA LEU A 228 20.04 28.70 7.66
C LEU A 228 21.31 29.46 8.06
N SER A 229 21.37 29.94 9.31
CA SER A 229 22.60 30.61 9.79
C SER A 229 23.67 29.59 9.96
N ALA A 230 23.32 28.40 10.44
CA ALA A 230 24.33 27.36 10.54
C ALA A 230 24.83 26.90 9.15
N VAL A 231 23.90 26.74 8.20
CA VAL A 231 24.25 26.33 6.82
C VAL A 231 25.11 27.38 6.06
N THR A 232 24.69 28.65 6.05
CA THR A 232 25.46 29.71 5.41
C THR A 232 26.81 29.93 6.11
N LYS A 233 26.89 29.74 7.42
CA LYS A 233 28.19 29.75 8.07
C LYS A 233 29.08 28.66 7.47
N ILE A 234 28.55 27.45 7.38
CA ILE A 234 29.29 26.36 6.72
C ILE A 234 29.70 26.70 5.28
N LEU A 235 28.82 27.37 4.53
CA LEU A 235 29.14 27.71 3.14
C LEU A 235 30.04 28.93 3.02
N GLY A 236 30.23 29.67 4.13
CA GLY A 236 31.03 30.89 4.12
C GLY A 236 30.30 32.03 3.46
N LEU A 237 28.96 32.01 3.47
CA LEU A 237 28.15 33.06 2.85
C LEU A 237 27.47 33.92 3.92
N GLU A 238 27.18 35.17 3.57
CA GLU A 238 26.55 36.09 4.49
C GLU A 238 25.25 36.54 3.84
N ILE A 239 24.16 36.18 4.49
CA ILE A 239 22.85 36.24 3.86
C ILE A 239 22.00 37.15 4.72
N ASP A 240 21.31 38.07 4.11
CA ASP A 240 20.40 38.91 4.88
C ASP A 240 19.22 38.05 5.38
N MET A 241 19.03 38.01 6.71
CA MET A 241 17.97 37.21 7.33
C MET A 241 16.72 38.03 7.69
N THR A 242 16.64 39.27 7.24
CA THR A 242 15.57 40.21 7.64
C THR A 242 14.13 39.71 7.38
N ALA A 243 13.87 39.25 6.17
CA ALA A 243 12.55 38.68 5.82
C ALA A 243 12.09 37.56 6.78
N LEU A 244 13.03 36.77 7.29
CA LEU A 244 12.70 35.74 8.29
C LEU A 244 12.49 36.29 9.70
N ASP A 245 13.34 37.23 10.11
CA ASP A 245 13.16 37.99 11.36
C ASP A 245 11.74 38.58 11.46
N GLU A 246 11.33 39.29 10.41
CA GLU A 246 10.01 39.92 10.33
C GLU A 246 8.87 38.92 10.37
N ARG A 247 9.02 37.83 9.63
CA ARG A 247 8.01 36.79 9.67
C ARG A 247 7.91 36.20 11.09
N ALA A 248 9.05 35.87 11.69
CA ALA A 248 9.09 35.43 13.10
C ALA A 248 8.34 36.39 14.06
N LYS A 249 8.49 37.70 13.87
CA LYS A 249 7.86 38.65 14.79
C LYS A 249 6.36 38.75 14.58
N GLU A 250 5.91 38.71 13.34
CA GLU A 250 4.50 38.69 13.00
C GLU A 250 3.83 37.46 13.62
N THR A 251 4.49 36.30 13.54
CA THR A 251 3.88 35.08 14.08
C THR A 251 3.91 35.00 15.61
N GLU A 252 4.89 35.60 16.26
CA GLU A 252 4.89 35.61 17.73
C GLU A 252 3.77 36.50 18.31
N GLU A 253 3.52 37.63 17.65
CA GLU A 253 2.40 38.54 17.95
C GLU A 253 1.05 37.83 17.80
N ILE A 254 0.85 37.23 16.62
CA ILE A 254 -0.29 36.32 16.40
C ILE A 254 -0.48 35.33 17.55
N LEU A 255 0.54 34.52 17.82
CA LEU A 255 0.46 33.49 18.86
C LEU A 255 0.10 34.06 20.23
N ARG A 256 0.64 35.23 20.58
CA ARG A 256 0.34 35.83 21.88
C ARG A 256 -1.13 36.24 21.98
N LYS A 257 -1.63 36.87 20.92
CA LYS A 257 -3.02 37.28 20.82
C LYS A 257 -4.00 36.09 20.74
N VAL A 258 -3.61 35.03 20.01
CA VAL A 258 -4.40 33.78 19.97
C VAL A 258 -4.49 33.05 21.33
N GLU A 259 -3.45 33.13 22.16
CA GLU A 259 -3.54 32.55 23.52
C GLU A 259 -4.52 33.36 24.40
N GLU A 260 -4.65 34.66 24.13
CA GLU A 260 -5.64 35.53 24.77
C GLU A 260 -7.07 35.23 24.28
N MET B 17 -5.11 -8.80 -16.86
CA MET B 17 -5.33 -7.50 -16.12
C MET B 17 -4.20 -7.19 -15.13
N LYS B 18 -2.96 -7.14 -15.63
CA LYS B 18 -1.78 -6.90 -14.81
C LYS B 18 -1.67 -5.40 -14.63
N GLU B 19 -2.27 -4.66 -15.56
CA GLU B 19 -2.38 -3.22 -15.48
C GLU B 19 -3.75 -2.76 -15.99
N THR B 20 -4.03 -1.48 -15.76
CA THR B 20 -5.24 -0.84 -16.26
C THR B 20 -5.40 -1.16 -17.76
N THR B 21 -6.59 -1.55 -18.16
CA THR B 21 -6.82 -2.02 -19.56
C THR B 21 -8.03 -1.35 -20.20
N ILE B 22 -7.92 -1.00 -21.45
CA ILE B 22 -9.08 -0.45 -22.17
C ILE B 22 -9.52 -1.43 -23.26
N VAL B 23 -10.77 -1.85 -23.17
CA VAL B 23 -11.42 -2.65 -24.20
C VAL B 23 -12.10 -1.74 -25.21
N VAL B 24 -11.62 -1.80 -26.44
CA VAL B 24 -12.11 -1.00 -27.55
C VAL B 24 -13.15 -1.74 -28.47
N TYR B 25 -14.40 -1.26 -28.47
CA TYR B 25 -15.46 -1.80 -29.35
C TYR B 25 -15.49 -1.21 -30.75
N GLU B 26 -15.07 0.04 -30.87
CA GLU B 26 -15.25 0.81 -32.08
C GLU B 26 -14.22 1.93 -32.12
N ARG B 27 -13.66 2.18 -33.29
CA ARG B 27 -12.67 3.23 -33.52
C ARG B 27 -13.25 4.37 -34.37
N PRO B 28 -14.09 5.25 -33.77
CA PRO B 28 -14.88 6.27 -34.45
C PRO B 28 -14.05 7.26 -35.23
N ASP B 29 -14.56 7.76 -36.36
CA ASP B 29 -13.80 8.77 -37.12
C ASP B 29 -14.05 10.16 -36.56
N ILE B 30 -13.44 10.41 -35.41
CA ILE B 30 -13.45 11.73 -34.81
C ILE B 30 -12.06 12.28 -34.99
N TYR B 31 -11.93 13.59 -34.93
CA TYR B 31 -10.65 14.26 -35.13
C TYR B 31 -10.53 15.49 -34.17
N ASP B 32 -9.33 15.69 -33.64
CA ASP B 32 -9.05 16.72 -32.62
C ASP B 32 -10.16 16.91 -31.58
N PRO B 33 -10.70 15.81 -31.03
CA PRO B 33 -11.80 15.97 -30.11
C PRO B 33 -11.41 16.61 -28.79
N ILE B 34 -12.42 17.14 -28.09
CA ILE B 34 -12.27 17.58 -26.74
C ILE B 34 -12.61 16.42 -25.81
N PHE B 35 -11.71 16.15 -24.84
CA PHE B 35 -11.90 15.09 -23.84
C PHE B 35 -12.54 15.69 -22.65
N ILE B 36 -13.74 15.20 -22.35
CA ILE B 36 -14.51 15.65 -21.24
C ILE B 36 -14.62 14.54 -20.18
N GLU B 37 -14.35 14.91 -18.92
CA GLU B 37 -14.39 13.92 -17.85
C GLU B 37 -15.39 14.27 -16.79
N GLY B 38 -16.13 13.26 -16.35
CA GLY B 38 -17.11 13.41 -15.30
C GLY B 38 -17.18 12.05 -14.62
N LEU B 39 -16.25 11.82 -13.69
CA LEU B 39 -16.18 10.59 -12.94
C LEU B 39 -16.76 10.93 -11.56
N PRO B 40 -17.04 9.91 -10.73
CA PRO B 40 -17.59 10.12 -9.39
C PRO B 40 -16.69 10.98 -8.53
N GLY B 41 -17.31 11.81 -7.69
CA GLY B 41 -16.62 12.75 -6.83
C GLY B 41 -17.67 13.55 -6.07
N ILE B 42 -17.26 14.70 -5.52
CA ILE B 42 -18.08 15.55 -4.66
C ILE B 42 -19.48 15.78 -5.30
N GLY B 43 -20.52 15.38 -4.55
CA GLY B 43 -21.95 15.55 -4.91
C GLY B 43 -22.33 14.90 -6.21
N LEU B 44 -21.52 13.95 -6.67
CA LEU B 44 -21.64 13.38 -7.99
C LEU B 44 -21.88 14.42 -9.09
N VAL B 45 -21.33 15.62 -8.90
CA VAL B 45 -21.56 16.72 -9.84
C VAL B 45 -21.09 16.37 -11.24
N GLY B 46 -19.83 15.96 -11.33
CA GLY B 46 -19.24 15.66 -12.63
C GLY B 46 -19.97 14.51 -13.31
N LYS B 47 -20.32 13.50 -12.50
CA LYS B 47 -20.95 12.27 -13.01
C LYS B 47 -22.34 12.59 -13.58
N LEU B 48 -23.19 13.23 -12.80
CA LEU B 48 -24.48 13.69 -13.33
C LEU B 48 -24.32 14.52 -14.59
N ALA B 49 -23.45 15.54 -14.52
CA ALA B 49 -23.25 16.41 -15.67
C ALA B 49 -22.91 15.61 -16.87
N ALA B 50 -21.99 14.65 -16.71
CA ALA B 50 -21.45 13.93 -17.88
C ALA B 50 -22.50 12.97 -18.46
N GLU B 51 -23.30 12.40 -17.55
CA GLU B 51 -24.32 11.40 -17.96
C GLU B 51 -25.42 12.11 -18.74
N HIS B 52 -25.84 13.26 -18.24
CA HIS B 52 -26.77 14.13 -18.95
C HIS B 52 -26.30 14.52 -20.33
N LEU B 53 -25.04 14.91 -20.46
CA LEU B 53 -24.51 15.34 -21.73
C LEU B 53 -24.51 14.19 -22.71
N ILE B 54 -24.17 13.00 -22.21
CA ILE B 54 -24.13 11.82 -23.05
C ILE B 54 -25.54 11.55 -23.58
N GLN B 55 -26.53 11.66 -22.72
CA GLN B 55 -27.90 11.35 -23.10
C GLN B 55 -28.41 12.31 -24.20
N GLU B 56 -28.21 13.61 -24.01
CA GLU B 56 -28.75 14.63 -24.91
C GLU B 56 -28.11 14.71 -26.28
N LEU B 57 -26.82 14.40 -26.36
CA LEU B 57 -26.17 14.34 -27.65
C LEU B 57 -26.32 12.94 -28.24
N LYS B 58 -26.94 12.06 -27.45
CA LYS B 58 -27.04 10.65 -27.83
C LYS B 58 -25.63 10.13 -28.15
N ALA B 59 -24.69 10.33 -27.22
CA ALA B 59 -23.30 9.89 -27.45
C ALA B 59 -23.22 8.36 -27.51
N LYS B 60 -22.35 7.82 -28.37
CA LYS B 60 -22.15 6.36 -28.47
C LYS B 60 -20.90 5.84 -27.69
N LYS B 61 -21.14 5.04 -26.65
CA LYS B 61 -20.08 4.24 -26.03
C LYS B 61 -19.26 3.49 -27.06
N PHE B 62 -17.94 3.69 -27.02
CA PHE B 62 -17.02 2.94 -27.85
C PHE B 62 -15.89 2.19 -27.11
N ALA B 63 -15.85 2.30 -25.78
CA ALA B 63 -14.73 1.72 -24.99
C ALA B 63 -14.99 1.76 -23.52
N GLU B 64 -14.38 0.79 -22.82
CA GLU B 64 -14.52 0.65 -21.38
C GLU B 64 -13.15 0.42 -20.78
N LEU B 65 -12.98 0.80 -19.53
CA LEU B 65 -11.67 0.78 -18.92
C LEU B 65 -11.89 0.00 -17.67
N TYR B 66 -11.00 -0.95 -17.42
CA TYR B 66 -11.01 -1.73 -16.19
C TYR B 66 -9.66 -1.56 -15.51
N SER B 67 -9.63 -1.61 -14.20
CA SER B 67 -8.35 -1.41 -13.56
C SER B 67 -8.21 -2.31 -12.39
N PRO B 68 -7.04 -2.91 -12.23
CA PRO B 68 -6.86 -3.68 -11.00
C PRO B 68 -6.51 -2.79 -9.81
N HIS B 69 -6.48 -1.47 -10.00
CA HIS B 69 -6.35 -0.55 -8.85
C HIS B 69 -7.71 -0.13 -8.33
N PHE B 70 -8.78 -0.43 -9.07
CA PHE B 70 -10.12 -0.18 -8.54
C PHE B 70 -10.41 -1.16 -7.43
N MET B 71 -11.46 -0.89 -6.65
CA MET B 71 -11.82 -1.74 -5.57
C MET B 71 -12.09 -3.19 -6.06
N HIS B 72 -11.76 -4.15 -5.22
CA HIS B 72 -11.70 -5.54 -5.68
C HIS B 72 -13.10 -6.16 -5.54
N GLN B 73 -14.03 -5.70 -6.37
CA GLN B 73 -15.40 -6.19 -6.28
C GLN B 73 -16.05 -6.14 -7.61
N VAL B 74 -17.17 -6.84 -7.73
CA VAL B 74 -18.05 -6.62 -8.86
C VAL B 74 -19.32 -5.89 -8.40
N LEU B 75 -20.02 -5.26 -9.33
CA LEU B 75 -21.31 -4.64 -9.02
C LEU B 75 -22.47 -5.39 -9.67
N ILE B 76 -23.58 -5.47 -8.97
CA ILE B 76 -24.86 -5.85 -9.60
C ILE B 76 -25.38 -4.76 -10.53
N ARG B 77 -25.52 -5.12 -11.80
CA ARG B 77 -26.11 -4.27 -12.83
C ARG B 77 -27.61 -4.61 -12.98
N LYS B 78 -28.21 -4.23 -14.11
CA LYS B 78 -29.63 -4.62 -14.41
C LYS B 78 -29.71 -6.11 -14.71
N ASN B 79 -30.86 -6.70 -14.36
CA ASN B 79 -31.22 -8.07 -14.78
C ASN B 79 -30.27 -9.09 -14.18
N SER B 80 -29.90 -8.85 -12.92
CA SER B 80 -29.16 -9.78 -12.13
C SER B 80 -27.72 -10.12 -12.61
N VAL B 81 -27.14 -9.26 -13.47
CA VAL B 81 -25.81 -9.43 -14.04
C VAL B 81 -24.70 -8.82 -13.13
N VAL B 82 -23.53 -9.48 -13.04
CA VAL B 82 -22.38 -8.95 -12.29
C VAL B 82 -21.41 -8.40 -13.27
N GLU B 83 -20.62 -7.41 -12.84
CA GLU B 83 -19.63 -6.82 -13.70
C GLU B 83 -18.57 -6.04 -12.88
N LEU B 84 -17.32 -6.12 -13.30
CA LEU B 84 -16.27 -5.34 -12.66
C LEU B 84 -16.65 -3.85 -12.71
N MET B 85 -16.17 -3.12 -11.71
CA MET B 85 -16.18 -1.66 -11.76
C MET B 85 -15.41 -1.19 -12.96
N LYS B 86 -15.94 -0.20 -13.64
CA LYS B 86 -15.33 0.26 -14.87
C LYS B 86 -15.55 1.78 -15.12
N ASN B 87 -14.90 2.31 -16.14
CA ASN B 87 -15.20 3.62 -16.67
C ASN B 87 -15.55 3.40 -18.13
N GLU B 88 -16.32 4.30 -18.69
CA GLU B 88 -16.75 4.15 -20.06
C GLU B 88 -16.51 5.40 -20.86
N PHE B 89 -16.06 5.23 -22.08
CA PHE B 89 -15.84 6.31 -23.02
C PHE B 89 -17.01 6.38 -24.04
N TYR B 90 -17.55 7.59 -24.24
CA TYR B 90 -18.54 7.83 -25.30
C TYR B 90 -18.02 8.89 -26.28
N TYR B 91 -18.36 8.75 -27.56
CA TYR B 91 -18.04 9.80 -28.52
C TYR B 91 -19.26 10.53 -29.07
N TRP B 92 -18.97 11.69 -29.65
CA TRP B 92 -19.93 12.51 -30.34
C TRP B 92 -19.19 13.09 -31.53
N LYS B 93 -19.70 12.74 -32.72
CA LYS B 93 -19.18 13.18 -33.99
C LYS B 93 -19.99 14.43 -34.38
N SER B 94 -19.33 15.59 -34.48
CA SER B 94 -20.04 16.83 -34.83
C SER B 94 -20.52 16.78 -36.28
N PRO B 95 -21.77 17.17 -36.52
CA PRO B 95 -22.23 17.21 -37.92
C PRO B 95 -21.79 18.48 -38.64
N ASP B 96 -21.02 19.35 -37.97
CA ASP B 96 -20.63 20.70 -38.44
C ASP B 96 -19.12 20.91 -38.49
N ASP B 97 -18.73 21.97 -39.19
CA ASP B 97 -17.41 22.57 -39.05
C ASP B 97 -17.38 23.47 -37.83
N GLU B 98 -18.54 23.74 -37.22
CA GLU B 98 -18.63 24.76 -36.18
C GLU B 98 -18.48 24.21 -34.76
N HIS B 99 -18.43 22.89 -34.63
CA HIS B 99 -18.44 22.25 -33.32
C HIS B 99 -17.39 21.16 -33.24
N ARG B 100 -16.86 20.96 -32.03
CA ARG B 100 -15.82 19.94 -31.83
C ARG B 100 -16.35 18.53 -31.65
N ASP B 101 -15.64 17.56 -32.22
CA ASP B 101 -15.83 16.15 -31.79
C ASP B 101 -15.50 16.01 -30.29
N LEU B 102 -16.29 15.22 -29.54
CA LEU B 102 -16.13 14.96 -28.12
C LEU B 102 -15.79 13.48 -27.81
N ILE B 103 -14.99 13.28 -26.75
CA ILE B 103 -14.90 12.00 -26.05
C ILE B 103 -15.29 12.32 -24.65
N ILE B 104 -16.30 11.64 -24.11
CA ILE B 104 -16.71 11.84 -22.74
C ILE B 104 -16.40 10.53 -21.96
N VAL B 105 -15.77 10.63 -20.77
CA VAL B 105 -15.66 9.50 -19.85
C VAL B 105 -16.52 9.70 -18.64
N THR B 106 -17.07 8.60 -18.17
CA THR B 106 -17.76 8.60 -16.90
C THR B 106 -17.60 7.18 -16.32
N GLY B 107 -18.18 6.87 -15.17
CA GLY B 107 -18.00 5.52 -14.69
C GLY B 107 -18.44 5.28 -13.29
N ASP B 108 -18.23 4.06 -12.81
CA ASP B 108 -18.63 3.61 -11.49
C ASP B 108 -17.82 4.22 -10.39
N THR B 109 -16.57 4.55 -10.69
CA THR B 109 -15.62 4.81 -9.59
C THR B 109 -14.34 5.47 -10.03
N GLN B 110 -13.59 5.90 -9.05
CA GLN B 110 -12.18 6.25 -9.19
C GLN B 110 -11.43 5.27 -8.32
N VAL B 111 -10.13 5.15 -8.55
CA VAL B 111 -9.20 4.51 -7.61
C VAL B 111 -9.44 4.99 -6.17
N PRO B 112 -9.34 4.08 -5.18
CA PRO B 112 -9.57 4.46 -3.79
C PRO B 112 -8.59 5.52 -3.27
N PRO B 113 -8.98 6.24 -2.21
CA PRO B 113 -8.08 7.32 -1.76
C PRO B 113 -6.71 6.86 -1.25
N THR B 114 -6.50 5.56 -1.04
CA THR B 114 -5.27 5.03 -0.40
C THR B 114 -4.16 4.56 -1.38
N ASP B 115 -4.43 4.63 -2.68
CA ASP B 115 -3.51 4.18 -3.71
C ASP B 115 -3.22 5.32 -4.70
N SER B 116 -2.26 6.20 -4.36
CA SER B 116 -2.02 7.33 -5.25
C SER B 116 -1.44 6.90 -6.54
N TYR B 117 -0.51 5.95 -6.49
CA TYR B 117 0.08 5.43 -7.71
C TYR B 117 -1.03 4.99 -8.75
N GLY B 118 -2.04 4.29 -8.27
CA GLY B 118 -3.17 3.83 -9.11
C GLY B 118 -3.89 4.95 -9.85
N HIS B 119 -4.13 6.09 -9.16
CA HIS B 119 -4.70 7.29 -9.86
C HIS B 119 -3.85 7.72 -11.00
N PHE B 120 -2.53 7.79 -10.80
CA PHE B 120 -1.62 8.22 -11.85
C PHE B 120 -1.67 7.23 -12.99
N GLU B 121 -1.76 5.95 -12.68
CA GLU B 121 -1.67 5.01 -13.77
C GLU B 121 -2.99 4.94 -14.58
N VAL B 122 -4.14 4.99 -13.91
CA VAL B 122 -5.44 5.06 -14.61
C VAL B 122 -5.51 6.32 -15.50
N ALA B 123 -5.19 7.49 -14.93
CA ALA B 123 -5.19 8.76 -15.70
C ALA B 123 -4.24 8.72 -16.88
N GLY B 124 -3.04 8.17 -16.63
CA GLY B 124 -2.09 7.87 -17.66
C GLY B 124 -2.65 7.05 -18.81
N LYS B 125 -3.40 6.00 -18.50
CA LYS B 125 -3.99 5.15 -19.55
C LYS B 125 -5.10 5.91 -20.30
N MET B 126 -5.96 6.60 -19.56
CA MET B 126 -7.02 7.42 -20.18
C MET B 126 -6.44 8.39 -21.17
N LEU B 127 -5.36 9.07 -20.77
CA LEU B 127 -4.72 9.99 -21.68
C LEU B 127 -4.08 9.37 -22.86
N ASP B 128 -3.34 8.27 -22.69
CA ASP B 128 -2.74 7.56 -23.85
C ASP B 128 -3.86 7.23 -24.90
N PHE B 129 -5.02 6.84 -24.43
CA PHE B 129 -6.09 6.39 -25.28
C PHE B 129 -6.64 7.55 -26.15
N VAL B 130 -7.06 8.64 -25.49
CA VAL B 130 -7.65 9.78 -26.20
C VAL B 130 -6.67 10.42 -27.15
N GLN B 131 -5.37 10.33 -26.83
CA GLN B 131 -4.36 10.91 -27.70
C GLN B 131 -4.23 10.17 -29.01
N GLU B 132 -4.76 8.95 -29.07
CA GLU B 132 -4.67 8.14 -30.30
C GLU B 132 -5.57 8.77 -31.34
N PHE B 133 -6.59 9.46 -30.84
CA PHE B 133 -7.51 10.22 -31.67
C PHE B 133 -7.07 11.68 -31.90
N GLY B 134 -5.82 11.98 -31.66
CA GLY B 134 -5.35 13.35 -31.72
C GLY B 134 -5.92 14.32 -30.67
N THR B 135 -6.45 13.84 -29.55
CA THR B 135 -6.91 14.72 -28.49
C THR B 135 -5.79 15.61 -27.85
N ARG B 136 -6.04 16.92 -27.73
CA ARG B 136 -5.06 17.89 -27.19
C ARG B 136 -5.65 18.56 -25.96
N GLU B 137 -6.99 18.68 -25.94
CA GLU B 137 -7.72 19.59 -25.05
C GLU B 137 -8.64 18.81 -24.15
N ILE B 138 -8.70 19.20 -22.88
CA ILE B 138 -9.44 18.46 -21.86
C ILE B 138 -10.29 19.45 -21.09
N ILE B 139 -11.54 19.05 -20.75
CA ILE B 139 -12.39 19.74 -19.78
C ILE B 139 -12.73 18.73 -18.65
N THR B 140 -12.45 19.04 -17.40
CA THR B 140 -12.90 18.17 -16.36
C THR B 140 -13.99 18.87 -15.57
N MET B 141 -14.89 18.10 -14.95
CA MET B 141 -16.04 18.63 -14.20
C MET B 141 -16.12 17.93 -12.88
N GLY B 142 -16.54 18.63 -11.84
CA GLY B 142 -16.61 17.97 -10.56
C GLY B 142 -17.17 19.01 -9.63
N GLY B 143 -17.05 18.78 -8.35
CA GLY B 143 -17.65 19.69 -7.42
C GLY B 143 -16.56 20.21 -6.52
N TYR B 144 -16.89 21.26 -5.80
CA TYR B 144 -16.05 21.84 -4.83
C TYR B 144 -16.94 21.86 -3.61
N GLN B 145 -16.45 21.35 -2.48
CA GLN B 145 -17.29 21.23 -1.31
C GLN B 145 -17.29 22.48 -0.44
N VAL B 146 -18.49 22.93 -0.08
CA VAL B 146 -18.71 24.11 0.76
C VAL B 146 -19.67 23.75 1.91
N PRO B 147 -19.48 24.34 3.11
CA PRO B 147 -20.40 24.08 4.24
C PRO B 147 -21.85 24.59 4.04
N GLU B 148 -22.02 25.70 3.31
CA GLU B 148 -23.33 26.31 3.08
C GLU B 148 -23.39 26.98 1.70
N ILE B 149 -24.48 26.79 0.96
CA ILE B 149 -24.67 27.57 -0.28
C ILE B 149 -25.65 28.72 -0.05
N GLN B 150 -25.34 29.87 -0.63
CA GLN B 150 -26.01 31.10 -0.26
C GLN B 150 -26.59 31.76 -1.51
N GLY B 151 -27.27 30.96 -2.34
CA GLY B 151 -27.78 31.48 -3.60
C GLY B 151 -27.70 30.44 -4.69
N GLU B 152 -27.42 30.89 -5.91
CA GLU B 152 -27.15 29.98 -7.03
C GLU B 152 -25.74 29.40 -6.88
N PRO B 153 -25.51 28.18 -7.42
CA PRO B 153 -24.16 27.59 -7.27
C PRO B 153 -23.14 28.27 -8.19
N ARG B 154 -22.01 28.67 -7.64
CA ARG B 154 -20.96 29.24 -8.48
C ARG B 154 -20.11 28.08 -9.06
N VAL B 155 -19.62 28.27 -10.28
CA VAL B 155 -18.66 27.36 -10.90
C VAL B 155 -17.22 27.92 -10.87
N LEU B 156 -16.31 27.17 -10.24
CA LEU B 156 -14.89 27.55 -10.09
C LEU B 156 -14.02 27.01 -11.24
N ALA B 157 -13.30 27.92 -11.91
CA ALA B 157 -12.52 27.61 -13.13
C ALA B 157 -11.01 27.71 -12.84
N ALA B 158 -10.23 26.77 -13.41
CA ALA B 158 -8.78 26.81 -13.31
C ALA B 158 -8.29 26.17 -14.59
N VAL B 159 -7.10 26.56 -15.06
CA VAL B 159 -6.62 26.09 -16.36
C VAL B 159 -5.22 25.55 -16.26
N THR B 160 -4.75 24.88 -17.31
CA THR B 160 -3.37 24.36 -17.31
C THR B 160 -2.31 25.42 -17.72
N HIS B 161 -2.69 26.39 -18.56
CA HIS B 161 -1.81 27.47 -19.04
C HIS B 161 -2.51 28.84 -18.94
N GLU B 162 -1.78 29.86 -18.48
CA GLU B 162 -2.34 31.19 -18.25
C GLU B 162 -3.08 31.75 -19.45
N ASP B 163 -2.58 31.56 -20.66
CA ASP B 163 -3.20 32.18 -21.82
C ASP B 163 -4.59 31.60 -22.10
N LEU B 164 -4.94 30.51 -21.40
CA LEU B 164 -6.22 29.89 -21.61
C LEU B 164 -7.31 30.58 -20.83
N ILE B 165 -6.95 31.33 -19.82
CA ILE B 165 -7.95 32.12 -19.09
C ILE B 165 -8.72 33.02 -20.06
N GLU B 166 -7.98 33.78 -20.85
CA GLU B 166 -8.62 34.71 -21.76
C GLU B 166 -9.40 33.91 -22.81
N TYR B 167 -8.82 32.77 -23.21
CA TYR B 167 -9.46 31.92 -24.20
C TYR B 167 -10.79 31.39 -23.69
N TYR B 168 -10.84 30.78 -22.49
CA TYR B 168 -12.15 30.27 -22.01
C TYR B 168 -13.15 31.37 -21.59
N LYS B 169 -12.64 32.45 -21.00
CA LYS B 169 -13.47 33.66 -20.79
C LYS B 169 -14.23 34.16 -21.99
N SER B 170 -13.58 34.27 -23.15
CA SER B 170 -14.27 34.75 -24.33
C SER B 170 -15.39 33.79 -24.77
N LYS B 171 -15.19 32.50 -24.52
CA LYS B 171 -16.16 31.50 -24.94
C LYS B 171 -17.25 31.44 -23.92
N LEU B 172 -16.99 31.96 -22.72
CA LEU B 172 -17.98 31.99 -21.66
C LEU B 172 -18.82 33.28 -21.56
N GLU B 173 -18.41 34.33 -22.27
CA GLU B 173 -19.16 35.61 -22.21
C GLU B 173 -20.59 35.40 -22.69
N GLY B 174 -21.56 35.75 -21.85
CA GLY B 174 -22.98 35.58 -22.17
C GLY B 174 -23.63 34.36 -21.55
N CYS B 175 -22.97 33.81 -20.52
CA CYS B 175 -23.42 32.58 -19.82
C CYS B 175 -24.20 32.89 -18.53
N SER B 176 -25.20 32.06 -18.24
CA SER B 176 -26.07 32.26 -17.06
C SER B 176 -25.26 32.13 -15.77
N VAL B 177 -24.47 31.06 -15.68
CA VAL B 177 -23.83 30.73 -14.42
C VAL B 177 -22.66 31.67 -14.15
N GLU B 178 -22.47 31.97 -12.88
CA GLU B 178 -21.38 32.75 -12.44
C GLU B 178 -20.11 31.85 -12.42
N VAL B 179 -19.18 32.10 -13.35
CA VAL B 179 -17.87 31.46 -13.28
C VAL B 179 -16.85 32.33 -12.56
N ILE B 180 -16.25 31.76 -11.55
CA ILE B 180 -15.23 32.41 -10.76
C ILE B 180 -13.85 31.82 -11.10
N TRP B 181 -12.92 32.69 -11.49
CA TRP B 181 -11.58 32.26 -11.77
C TRP B 181 -10.85 32.14 -10.43
N ARG B 182 -10.53 30.90 -10.03
CA ARG B 182 -10.08 30.61 -8.68
C ARG B 182 -8.79 31.35 -8.37
N GLU B 183 -8.67 31.90 -7.16
CA GLU B 183 -7.41 32.52 -6.72
C GLU B 183 -6.93 31.96 -5.36
N ASP B 184 -7.41 30.76 -5.01
CA ASP B 184 -7.08 30.08 -3.75
C ASP B 184 -5.77 29.27 -3.90
N GLU B 185 -4.69 30.01 -4.06
CA GLU B 185 -3.41 29.43 -4.29
C GLU B 185 -3.10 28.44 -3.19
N GLY B 186 -2.60 27.26 -3.57
CA GLY B 186 -2.40 26.21 -2.56
C GLY B 186 -3.60 25.29 -2.36
N GLY B 187 -4.77 25.63 -2.89
CA GLY B 187 -5.90 24.65 -2.88
C GLY B 187 -5.55 23.45 -3.78
N ALA B 188 -6.34 22.39 -3.72
CA ALA B 188 -6.12 21.16 -4.47
C ALA B 188 -7.36 20.72 -5.21
N ILE B 189 -7.15 20.03 -6.33
CA ILE B 189 -8.19 19.27 -6.97
C ILE B 189 -7.69 17.81 -6.99
N VAL B 190 -8.44 16.93 -6.35
CA VAL B 190 -8.05 15.56 -6.03
C VAL B 190 -8.70 14.62 -7.05
N GLY B 191 -7.93 13.68 -7.56
CA GLY B 191 -8.41 12.62 -8.42
C GLY B 191 -8.37 13.02 -9.88
N ALA B 192 -9.14 12.33 -10.71
CA ALA B 192 -9.08 12.56 -12.14
C ALA B 192 -9.34 14.03 -12.55
N ALA B 193 -10.25 14.74 -11.89
CA ALA B 193 -10.58 16.13 -12.29
C ALA B 193 -9.30 17.03 -12.30
N GLY B 194 -8.33 16.68 -11.47
CA GLY B 194 -7.05 17.38 -11.50
C GLY B 194 -5.97 16.71 -12.30
N LEU B 195 -5.80 15.41 -12.03
CA LEU B 195 -4.68 14.67 -12.61
C LEU B 195 -4.75 14.61 -14.10
N LEU B 196 -5.95 14.52 -14.69
CA LEU B 196 -5.94 14.52 -16.18
C LEU B 196 -5.32 15.79 -16.71
N LEU B 197 -5.56 16.89 -16.01
CA LEU B 197 -4.97 18.20 -16.46
C LEU B 197 -3.49 18.33 -16.08
N GLY B 198 -3.14 17.93 -14.86
CA GLY B 198 -1.73 17.99 -14.41
C GLY B 198 -0.84 17.04 -15.18
N ILE B 199 -1.29 15.82 -15.42
CA ILE B 199 -0.46 14.89 -16.22
C ILE B 199 -0.53 15.30 -17.71
N GLY B 200 -1.71 15.71 -18.20
CA GLY B 200 -1.82 16.14 -19.60
C GLY B 200 -0.91 17.30 -19.95
N LYS B 201 -0.77 18.20 -19.00
CA LYS B 201 0.06 19.38 -19.22
C LYS B 201 1.52 18.93 -19.43
N LEU B 202 1.97 17.91 -18.73
CA LEU B 202 3.36 17.40 -18.95
C LEU B 202 3.57 16.79 -20.34
N ARG B 203 2.50 16.37 -21.00
CA ARG B 203 2.72 15.82 -22.33
C ARG B 203 2.09 16.66 -23.43
N GLY B 204 2.03 17.97 -23.23
CA GLY B 204 1.63 18.86 -24.32
C GLY B 204 0.13 19.05 -24.44
N MET B 205 -0.65 18.49 -23.53
CA MET B 205 -2.09 18.74 -23.55
C MET B 205 -2.45 19.94 -22.70
N PHE B 206 -3.71 20.38 -22.80
CA PHE B 206 -4.14 21.57 -22.09
C PHE B 206 -5.63 21.54 -21.82
N GLY B 207 -6.11 22.38 -20.91
CA GLY B 207 -7.53 22.49 -20.75
C GLY B 207 -7.98 23.18 -19.48
N ILE B 208 -9.17 22.86 -19.02
CA ILE B 208 -9.76 23.65 -17.96
C ILE B 208 -10.47 22.73 -17.04
N SER B 209 -10.50 23.08 -15.77
CA SER B 209 -11.28 22.40 -14.77
C SER B 209 -12.44 23.29 -14.35
N LEU B 210 -13.63 22.74 -14.30
CA LEU B 210 -14.79 23.46 -13.77
C LEU B 210 -15.44 22.68 -12.65
N LEU B 211 -15.47 23.25 -11.47
CA LEU B 211 -16.02 22.62 -10.29
C LEU B 211 -17.17 23.45 -9.75
N GLY B 212 -18.36 22.84 -9.64
CA GLY B 212 -19.47 23.55 -9.00
C GLY B 212 -19.48 23.45 -7.50
N GLU B 213 -19.81 24.55 -6.85
CA GLU B 213 -19.97 24.57 -5.40
C GLU B 213 -21.07 23.59 -5.00
N SER B 214 -20.88 22.91 -3.87
CA SER B 214 -21.83 21.88 -3.49
C SER B 214 -21.64 21.46 -2.07
N LEU B 215 -22.73 21.04 -1.45
CA LEU B 215 -22.71 20.57 -0.07
C LEU B 215 -22.03 19.20 -0.01
N GLY B 216 -22.14 18.47 -1.11
CA GLY B 216 -21.29 17.31 -1.33
C GLY B 216 -21.84 15.97 -0.90
N TYR B 217 -22.59 15.96 0.20
CA TYR B 217 -23.10 14.70 0.73
C TYR B 217 -24.38 14.19 0.03
N ILE B 218 -25.00 15.02 -0.82
CA ILE B 218 -26.15 14.58 -1.63
C ILE B 218 -25.80 14.54 -3.11
N VAL B 219 -26.55 13.74 -3.85
CA VAL B 219 -26.54 13.81 -5.29
C VAL B 219 -26.99 15.23 -5.63
N ASP B 220 -26.14 16.00 -6.33
CA ASP B 220 -26.35 17.45 -6.54
C ASP B 220 -26.65 17.82 -7.97
N ALA B 221 -27.90 17.63 -8.36
CA ALA B 221 -28.33 17.89 -9.71
C ALA B 221 -28.26 19.37 -10.10
N LYS B 222 -28.54 20.25 -9.15
CA LYS B 222 -28.49 21.70 -9.40
C LYS B 222 -27.07 22.16 -9.77
N ALA B 223 -26.11 21.93 -8.87
CA ALA B 223 -24.71 22.22 -9.15
C ALA B 223 -24.22 21.57 -10.48
N ALA B 224 -24.69 20.35 -10.77
CA ALA B 224 -24.37 19.70 -12.07
C ALA B 224 -24.88 20.44 -13.29
N LYS B 225 -26.05 21.04 -13.15
CA LYS B 225 -26.62 21.84 -14.26
C LYS B 225 -25.74 23.09 -14.55
N ALA B 226 -25.39 23.79 -13.50
CA ALA B 226 -24.50 24.97 -13.61
C ALA B 226 -23.18 24.64 -14.33
N VAL B 227 -22.54 23.52 -13.94
CA VAL B 227 -21.29 23.11 -14.52
C VAL B 227 -21.49 22.78 -15.95
N LEU B 228 -22.54 22.01 -16.25
CA LEU B 228 -22.82 21.62 -17.63
C LEU B 228 -23.21 22.83 -18.48
N SER B 229 -23.80 23.84 -17.84
CA SER B 229 -24.12 25.10 -18.55
C SER B 229 -22.84 25.83 -19.02
N ALA B 230 -21.86 25.88 -18.13
CA ALA B 230 -20.55 26.47 -18.49
C ALA B 230 -19.88 25.68 -19.59
N VAL B 231 -19.93 24.35 -19.46
CA VAL B 231 -19.25 23.51 -20.41
C VAL B 231 -19.90 23.61 -21.78
N THR B 232 -21.25 23.50 -21.83
CA THR B 232 -21.96 23.59 -23.11
C THR B 232 -21.82 25.03 -23.68
N LYS B 233 -21.84 26.04 -22.83
CA LYS B 233 -21.48 27.36 -23.35
C LYS B 233 -20.13 27.35 -24.08
N ILE B 234 -19.09 26.82 -23.43
CA ILE B 234 -17.77 26.74 -24.09
C ILE B 234 -17.84 26.01 -25.43
N LEU B 235 -18.64 24.96 -25.48
CA LEU B 235 -18.68 24.11 -26.65
C LEU B 235 -19.60 24.68 -27.73
N GLY B 236 -20.45 25.64 -27.35
CA GLY B 236 -21.39 26.27 -28.29
C GLY B 236 -22.50 25.31 -28.63
N LEU B 237 -22.94 24.57 -27.61
CA LEU B 237 -23.99 23.59 -27.75
C LEU B 237 -25.09 24.05 -26.83
N GLU B 238 -26.33 23.78 -27.18
CA GLU B 238 -27.45 24.09 -26.31
C GLU B 238 -28.14 22.77 -26.01
N ILE B 239 -28.46 22.55 -24.73
CA ILE B 239 -29.10 21.32 -24.34
C ILE B 239 -30.08 21.50 -23.19
N ASP B 240 -31.01 20.57 -23.17
CA ASP B 240 -32.13 20.59 -22.26
C ASP B 240 -31.71 20.21 -20.85
N MET B 241 -32.01 21.06 -19.88
CA MET B 241 -31.60 20.85 -18.53
C MET B 241 -32.71 20.35 -17.63
N THR B 242 -33.90 20.10 -18.20
CA THR B 242 -35.10 19.84 -17.37
C THR B 242 -34.96 18.60 -16.52
N ALA B 243 -34.50 17.52 -17.12
CA ALA B 243 -34.23 16.30 -16.36
C ALA B 243 -33.46 16.63 -15.08
N LEU B 244 -32.45 17.50 -15.19
CA LEU B 244 -31.67 17.92 -14.01
C LEU B 244 -32.45 18.86 -13.12
N ASP B 245 -33.25 19.73 -13.75
CA ASP B 245 -34.16 20.62 -13.01
C ASP B 245 -35.05 19.86 -12.02
N GLU B 246 -35.71 18.81 -12.50
CA GLU B 246 -36.63 18.01 -11.64
C GLU B 246 -35.96 17.15 -10.60
N ARG B 247 -34.78 16.65 -10.94
CA ARG B 247 -33.97 15.94 -9.96
C ARG B 247 -33.63 16.83 -8.78
N ALA B 248 -33.19 18.05 -9.07
CA ALA B 248 -32.97 19.06 -8.06
C ALA B 248 -34.26 19.35 -7.30
N LYS B 249 -35.35 19.57 -8.06
CA LYS B 249 -36.70 19.75 -7.52
C LYS B 249 -36.99 18.64 -6.50
N GLU B 250 -36.95 17.39 -6.95
CA GLU B 250 -37.21 16.27 -6.06
C GLU B 250 -36.36 16.30 -4.79
N THR B 251 -35.04 16.15 -4.95
CA THR B 251 -34.11 16.02 -3.81
C THR B 251 -34.15 17.16 -2.81
N GLU B 252 -34.56 18.34 -3.26
CA GLU B 252 -34.76 19.49 -2.35
C GLU B 252 -35.90 19.23 -1.35
N GLU B 253 -37.01 18.69 -1.84
CA GLU B 253 -38.17 18.38 -0.98
C GLU B 253 -37.89 17.21 -0.05
N ILE B 254 -37.12 16.24 -0.53
CA ILE B 254 -36.66 15.12 0.31
C ILE B 254 -35.80 15.62 1.48
N LEU B 255 -34.88 16.54 1.21
CA LEU B 255 -34.04 17.13 2.26
C LEU B 255 -34.83 17.89 3.33
N ARG B 256 -35.92 18.54 2.93
CA ARG B 256 -36.83 19.23 3.86
C ARG B 256 -37.26 18.30 4.98
N LYS B 257 -37.80 17.16 4.56
CA LYS B 257 -38.45 16.19 5.41
C LYS B 257 -37.43 15.43 6.28
N VAL B 258 -36.26 15.16 5.73
CA VAL B 258 -35.15 14.54 6.47
C VAL B 258 -34.70 15.34 7.70
N GLU B 259 -34.70 16.67 7.58
CA GLU B 259 -34.31 17.56 8.68
C GLU B 259 -35.51 18.05 9.48
N GLU B 260 -36.36 17.11 9.90
CA GLU B 260 -37.55 17.38 10.72
C GLU B 260 -37.89 16.18 11.59
N MET C 17 9.05 -16.17 -6.07
CA MET C 17 7.70 -15.65 -5.68
C MET C 17 7.64 -14.11 -5.73
N LYS C 18 7.95 -13.55 -6.90
CA LYS C 18 7.81 -12.10 -7.13
C LYS C 18 6.34 -11.85 -7.37
N GLU C 19 5.64 -12.96 -7.62
CA GLU C 19 4.23 -12.92 -7.84
C GLU C 19 3.59 -14.21 -7.36
N THR C 20 2.29 -14.22 -7.33
CA THR C 20 1.50 -15.35 -6.98
C THR C 20 1.93 -16.59 -7.79
N THR C 21 2.18 -17.68 -7.10
CA THR C 21 2.70 -18.91 -7.69
C THR C 21 1.73 -20.10 -7.44
N ILE C 22 1.52 -20.90 -8.49
CA ILE C 22 0.82 -22.15 -8.38
C ILE C 22 1.77 -23.32 -8.62
N VAL C 23 1.83 -24.21 -7.64
CA VAL C 23 2.61 -25.40 -7.67
C VAL C 23 1.63 -26.52 -8.06
N VAL C 24 1.93 -27.24 -9.16
CA VAL C 24 0.97 -28.16 -9.77
C VAL C 24 1.54 -29.55 -9.65
N TYR C 25 0.81 -30.45 -9.00
CA TYR C 25 1.34 -31.78 -8.72
C TYR C 25 1.21 -32.73 -9.91
N GLU C 26 0.09 -32.65 -10.63
CA GLU C 26 -0.14 -33.42 -11.86
C GLU C 26 -1.15 -32.67 -12.70
N ARG C 27 -1.25 -33.06 -13.95
CA ARG C 27 -2.29 -32.63 -14.84
C ARG C 27 -3.41 -33.66 -14.93
N PRO C 28 -4.54 -33.37 -14.28
CA PRO C 28 -5.64 -34.34 -14.23
C PRO C 28 -6.32 -34.48 -15.58
N ASP C 29 -6.92 -35.64 -15.69
CA ASP C 29 -7.57 -36.08 -16.89
C ASP C 29 -8.99 -35.53 -16.84
N ILE C 30 -9.12 -34.23 -17.06
CA ILE C 30 -10.43 -33.63 -16.96
C ILE C 30 -10.66 -32.78 -18.13
N TYR C 31 -11.91 -32.55 -18.48
CA TYR C 31 -12.12 -31.60 -19.53
C TYR C 31 -13.39 -30.78 -19.40
N ASP C 32 -13.28 -29.52 -19.84
CA ASP C 32 -14.35 -28.55 -19.77
C ASP C 32 -14.95 -28.55 -18.37
N PRO C 33 -14.10 -28.54 -17.33
CA PRO C 33 -14.68 -28.62 -16.00
C PRO C 33 -15.40 -27.34 -15.60
N ILE C 34 -16.21 -27.44 -14.55
CA ILE C 34 -16.78 -26.24 -13.96
C ILE C 34 -15.82 -25.91 -12.82
N PHE C 35 -15.43 -24.63 -12.73
CA PHE C 35 -14.60 -24.13 -11.63
C PHE C 35 -15.45 -23.66 -10.45
N ILE C 36 -15.29 -24.27 -9.30
CA ILE C 36 -16.06 -23.91 -8.17
C ILE C 36 -15.21 -23.27 -7.08
N GLU C 37 -15.66 -22.10 -6.56
CA GLU C 37 -14.85 -21.33 -5.56
C GLU C 37 -15.53 -21.24 -4.20
N GLY C 38 -14.81 -21.68 -3.19
CA GLY C 38 -15.24 -21.55 -1.79
C GLY C 38 -14.07 -21.14 -0.90
N LEU C 39 -13.61 -19.90 -1.08
CA LEU C 39 -12.56 -19.34 -0.26
C LEU C 39 -13.17 -18.72 1.04
N PRO C 40 -12.33 -18.39 2.04
CA PRO C 40 -12.90 -17.76 3.25
C PRO C 40 -13.57 -16.46 2.93
N GLY C 41 -14.67 -16.18 3.65
CA GLY C 41 -15.56 -15.08 3.34
C GLY C 41 -16.65 -15.03 4.41
N ILE C 42 -17.72 -14.28 4.14
CA ILE C 42 -18.84 -14.11 5.08
C ILE C 42 -19.30 -15.48 5.64
N GLY C 43 -19.23 -15.62 6.97
CA GLY C 43 -19.81 -16.76 7.69
C GLY C 43 -19.14 -18.09 7.41
N LEU C 44 -17.97 -18.04 6.77
CA LEU C 44 -17.25 -19.18 6.20
C LEU C 44 -18.16 -20.06 5.37
N VAL C 45 -19.16 -19.44 4.75
CA VAL C 45 -20.17 -20.13 3.98
C VAL C 45 -19.61 -20.88 2.77
N GLY C 46 -18.95 -20.14 1.87
CA GLY C 46 -18.34 -20.70 0.66
C GLY C 46 -17.33 -21.77 1.02
N LYS C 47 -16.51 -21.50 2.04
CA LYS C 47 -15.51 -22.46 2.47
C LYS C 47 -16.07 -23.79 3.01
N LEU C 48 -17.06 -23.72 3.91
CA LEU C 48 -17.69 -24.93 4.45
C LEU C 48 -18.31 -25.74 3.35
N ALA C 49 -19.04 -25.05 2.50
CA ALA C 49 -19.66 -25.61 1.33
C ALA C 49 -18.59 -26.33 0.45
N ALA C 50 -17.48 -25.66 0.12
CA ALA C 50 -16.47 -26.30 -0.74
C ALA C 50 -15.80 -27.48 -0.07
N GLU C 51 -15.45 -27.35 1.21
CA GLU C 51 -14.80 -28.45 1.94
C GLU C 51 -15.71 -29.67 2.03
N HIS C 52 -17.00 -29.43 2.23
CA HIS C 52 -17.94 -30.51 2.32
C HIS C 52 -18.04 -31.18 0.96
N LEU C 53 -18.03 -30.37 -0.10
CA LEU C 53 -18.09 -30.92 -1.44
C LEU C 53 -16.81 -31.71 -1.75
N ILE C 54 -15.64 -31.18 -1.39
CA ILE C 54 -14.39 -31.92 -1.55
C ILE C 54 -14.54 -33.31 -0.92
N GLN C 55 -14.94 -33.33 0.35
CA GLN C 55 -15.03 -34.57 1.15
C GLN C 55 -15.99 -35.60 0.60
N GLU C 56 -17.19 -35.18 0.26
CA GLU C 56 -18.21 -36.12 -0.20
C GLU C 56 -17.91 -36.67 -1.59
N LEU C 57 -17.21 -35.90 -2.42
CA LEU C 57 -16.93 -36.35 -3.75
C LEU C 57 -15.59 -37.07 -3.77
N LYS C 58 -14.85 -37.03 -2.67
CA LYS C 58 -13.50 -37.58 -2.63
C LYS C 58 -12.62 -36.93 -3.73
N ALA C 59 -12.85 -35.62 -3.94
CA ALA C 59 -12.10 -34.85 -4.88
C ALA C 59 -10.63 -34.93 -4.51
N LYS C 60 -9.75 -34.88 -5.52
CA LYS C 60 -8.34 -35.06 -5.25
C LYS C 60 -7.56 -33.78 -5.35
N LYS C 61 -6.69 -33.51 -4.38
CA LYS C 61 -5.88 -32.31 -4.49
C LYS C 61 -4.83 -32.40 -5.59
N PHE C 62 -4.75 -31.39 -6.47
CA PHE C 62 -3.72 -31.39 -7.52
C PHE C 62 -2.83 -30.17 -7.70
N ALA C 63 -3.14 -29.05 -7.03
CA ALA C 63 -2.28 -27.87 -7.10
C ALA C 63 -2.43 -27.00 -5.83
N GLU C 64 -1.41 -26.22 -5.50
CA GLU C 64 -1.62 -25.22 -4.49
C GLU C 64 -1.05 -23.84 -4.84
N LEU C 65 -1.74 -22.81 -4.34
CA LEU C 65 -1.40 -21.44 -4.69
C LEU C 65 -0.77 -20.74 -3.51
N TYR C 66 0.35 -20.08 -3.72
CA TYR C 66 0.93 -19.24 -2.71
C TYR C 66 1.04 -17.84 -3.27
N SER C 67 0.99 -16.84 -2.40
CA SER C 67 1.03 -15.45 -2.85
C SER C 67 1.76 -14.55 -1.88
N PRO C 68 2.65 -13.71 -2.40
CA PRO C 68 3.35 -12.69 -1.62
C PRO C 68 2.39 -11.53 -1.25
N HIS C 69 1.13 -11.56 -1.74
CA HIS C 69 0.08 -10.60 -1.32
C HIS C 69 -0.73 -11.14 -0.15
N PHE C 70 -0.51 -12.40 0.25
CA PHE C 70 -1.22 -12.93 1.42
C PHE C 70 -0.54 -12.39 2.68
N MET C 71 -1.18 -12.49 3.83
CA MET C 71 -0.53 -12.05 5.09
C MET C 71 0.86 -12.71 5.26
N HIS C 72 1.79 -11.91 5.78
CA HIS C 72 3.18 -12.28 5.84
C HIS C 72 3.47 -13.18 7.04
N GLN C 73 2.83 -14.36 7.05
CA GLN C 73 3.02 -15.30 8.15
C GLN C 73 2.91 -16.74 7.67
N VAL C 74 3.29 -17.63 8.56
CA VAL C 74 3.15 -19.08 8.40
C VAL C 74 2.06 -19.54 9.36
N LEU C 75 1.34 -20.60 9.02
CA LEU C 75 0.36 -21.22 9.93
C LEU C 75 0.86 -22.52 10.51
N ILE C 76 0.43 -22.82 11.73
CA ILE C 76 0.78 -24.08 12.35
C ILE C 76 -0.17 -25.14 11.78
N ARG C 77 0.39 -26.17 11.16
CA ARG C 77 -0.49 -27.24 10.63
C ARG C 77 -0.53 -28.36 11.66
N LYS C 78 -1.09 -29.52 11.29
CA LYS C 78 -1.08 -30.66 12.20
C LYS C 78 0.39 -31.10 12.31
N ASN C 79 0.74 -31.58 13.50
CA ASN C 79 2.05 -32.18 13.76
C ASN C 79 3.19 -31.18 13.85
N SER C 80 2.89 -30.01 14.40
CA SER C 80 3.91 -29.00 14.66
C SER C 80 4.65 -28.55 13.40
N VAL C 81 4.00 -28.70 12.26
CA VAL C 81 4.56 -28.33 10.97
C VAL C 81 4.10 -26.89 10.60
N VAL C 82 5.04 -26.06 10.14
CA VAL C 82 4.69 -24.73 9.61
C VAL C 82 4.51 -24.72 8.09
N GLU C 83 3.61 -23.86 7.61
CA GLU C 83 3.39 -23.66 6.21
C GLU C 83 2.84 -22.25 5.88
N LEU C 84 3.35 -21.65 4.81
CA LEU C 84 2.76 -20.44 4.27
C LEU C 84 1.27 -20.60 4.07
N MET C 85 0.57 -19.46 4.06
CA MET C 85 -0.81 -19.46 3.72
C MET C 85 -0.98 -19.73 2.23
N LYS C 86 -2.08 -20.39 1.89
CA LYS C 86 -2.18 -20.96 0.57
C LYS C 86 -3.63 -21.21 0.20
N ASN C 87 -3.87 -21.39 -1.09
CA ASN C 87 -5.14 -21.93 -1.55
C ASN C 87 -4.82 -23.31 -2.17
N GLU C 88 -5.84 -24.15 -2.29
CA GLU C 88 -5.66 -25.51 -2.75
C GLU C 88 -6.65 -25.76 -3.83
N PHE C 89 -6.23 -26.43 -4.90
CA PHE C 89 -7.15 -26.83 -5.95
C PHE C 89 -7.35 -28.35 -5.87
N TYR C 90 -8.62 -28.79 -5.94
CA TYR C 90 -8.99 -30.21 -5.95
C TYR C 90 -9.73 -30.48 -7.25
N TYR C 91 -9.62 -31.69 -7.78
CA TYR C 91 -10.48 -31.98 -8.94
C TYR C 91 -11.37 -33.20 -8.71
N TRP C 92 -12.44 -33.27 -9.50
CA TRP C 92 -13.29 -34.45 -9.49
C TRP C 92 -13.54 -34.80 -10.93
N LYS C 93 -13.29 -36.06 -11.27
CA LYS C 93 -13.56 -36.52 -12.65
C LYS C 93 -14.91 -37.20 -12.64
N SER C 94 -15.83 -36.74 -13.46
CA SER C 94 -17.14 -37.40 -13.49
C SER C 94 -17.03 -38.86 -14.02
N PRO C 95 -17.84 -39.78 -13.44
CA PRO C 95 -17.81 -41.17 -13.97
C PRO C 95 -18.68 -41.35 -15.20
N ASP C 96 -19.31 -40.27 -15.68
CA ASP C 96 -20.25 -40.38 -16.78
C ASP C 96 -20.35 -39.11 -17.60
N ASP C 97 -21.04 -39.23 -18.75
CA ASP C 97 -21.20 -38.16 -19.73
C ASP C 97 -22.27 -37.14 -19.36
N GLU C 98 -23.01 -37.41 -18.29
CA GLU C 98 -24.08 -36.53 -17.86
C GLU C 98 -23.70 -35.61 -16.65
N HIS C 99 -22.46 -35.70 -16.18
CA HIS C 99 -22.00 -34.82 -15.11
C HIS C 99 -20.69 -34.20 -15.51
N ARG C 100 -20.49 -32.94 -15.14
CA ARG C 100 -19.27 -32.24 -15.56
C ARG C 100 -18.16 -32.59 -14.61
N ASP C 101 -16.96 -32.70 -15.11
CA ASP C 101 -15.77 -32.63 -14.26
C ASP C 101 -15.72 -31.27 -13.45
N LEU C 102 -15.05 -31.30 -12.28
CA LEU C 102 -14.94 -30.13 -11.40
C LEU C 102 -13.52 -29.81 -11.06
N ILE C 103 -13.24 -28.50 -10.94
CA ILE C 103 -12.12 -27.98 -10.16
C ILE C 103 -12.71 -27.13 -9.01
N ILE C 104 -12.21 -27.37 -7.81
CA ILE C 104 -12.72 -26.70 -6.65
C ILE C 104 -11.53 -26.06 -5.94
N VAL C 105 -11.61 -24.76 -5.68
CA VAL C 105 -10.55 -24.11 -4.93
C VAL C 105 -11.08 -23.73 -3.56
N THR C 106 -10.25 -23.93 -2.55
CA THR C 106 -10.47 -23.38 -1.22
C THR C 106 -9.11 -22.99 -0.63
N GLY C 107 -9.06 -22.62 0.63
CA GLY C 107 -7.78 -22.26 1.20
C GLY C 107 -7.86 -21.50 2.51
N ASP C 108 -6.70 -21.11 3.01
CA ASP C 108 -6.61 -20.42 4.28
C ASP C 108 -7.23 -18.98 4.25
N THR C 109 -7.18 -18.28 3.13
CA THR C 109 -7.34 -16.84 3.21
C THR C 109 -7.55 -16.30 1.84
N GLN C 110 -7.98 -15.05 1.81
CA GLN C 110 -7.91 -14.25 0.60
C GLN C 110 -6.91 -13.17 0.91
N VAL C 111 -6.58 -12.37 -0.09
CA VAL C 111 -5.68 -11.25 0.08
C VAL C 111 -6.37 -10.28 1.07
N PRO C 112 -5.59 -9.59 1.92
CA PRO C 112 -6.19 -8.67 2.91
C PRO C 112 -7.04 -7.55 2.27
N PRO C 113 -7.97 -6.94 3.06
CA PRO C 113 -8.89 -5.93 2.45
C PRO C 113 -8.18 -4.66 1.96
N THR C 114 -6.94 -4.45 2.38
CA THR C 114 -6.23 -3.24 2.01
C THR C 114 -5.45 -3.31 0.69
N ASP C 115 -5.45 -4.45 -0.03
CA ASP C 115 -4.58 -4.64 -1.21
C ASP C 115 -5.43 -5.09 -2.43
N SER C 116 -6.12 -4.14 -3.06
CA SER C 116 -7.00 -4.47 -4.21
C SER C 116 -6.26 -5.09 -5.37
N TYR C 117 -5.12 -4.49 -5.70
CA TYR C 117 -4.26 -5.02 -6.74
C TYR C 117 -3.97 -6.54 -6.53
N GLY C 118 -3.67 -6.94 -5.30
CA GLY C 118 -3.34 -8.33 -5.00
C GLY C 118 -4.50 -9.28 -5.27
N HIS C 119 -5.72 -8.85 -4.98
CA HIS C 119 -6.96 -9.62 -5.30
C HIS C 119 -7.04 -9.87 -6.80
N PHE C 120 -6.77 -8.86 -7.64
CA PHE C 120 -6.87 -9.02 -9.06
C PHE C 120 -5.79 -9.98 -9.55
N GLU C 121 -4.57 -9.85 -9.02
CA GLU C 121 -3.49 -10.70 -9.39
C GLU C 121 -3.73 -12.15 -8.99
N VAL C 122 -4.21 -12.42 -7.78
CA VAL C 122 -4.51 -13.81 -7.37
C VAL C 122 -5.66 -14.39 -8.24
N ALA C 123 -6.78 -13.68 -8.35
CA ALA C 123 -7.89 -14.10 -9.22
C ALA C 123 -7.48 -14.38 -10.68
N GLY C 124 -6.65 -13.50 -11.24
CA GLY C 124 -6.14 -13.63 -12.57
C GLY C 124 -5.28 -14.90 -12.71
N LYS C 125 -4.37 -15.17 -11.75
CA LYS C 125 -3.57 -16.41 -11.79
C LYS C 125 -4.47 -17.65 -11.69
N MET C 126 -5.45 -17.62 -10.80
CA MET C 126 -6.43 -18.73 -10.72
C MET C 126 -7.12 -18.95 -12.05
N LEU C 127 -7.54 -17.85 -12.71
CA LEU C 127 -8.19 -18.01 -14.00
C LEU C 127 -7.22 -18.56 -15.06
N ASP C 128 -5.95 -18.10 -15.09
CA ASP C 128 -5.01 -18.58 -16.12
C ASP C 128 -4.83 -20.10 -15.95
N PHE C 129 -4.77 -20.54 -14.71
CA PHE C 129 -4.49 -21.92 -14.43
C PHE C 129 -5.68 -22.83 -14.88
N VAL C 130 -6.90 -22.43 -14.52
CA VAL C 130 -8.09 -23.21 -14.75
C VAL C 130 -8.45 -23.27 -16.27
N GLN C 131 -8.16 -22.21 -17.00
CA GLN C 131 -8.28 -22.21 -18.44
C GLN C 131 -7.29 -23.17 -19.15
N GLU C 132 -6.18 -23.53 -18.52
CA GLU C 132 -5.34 -24.56 -19.12
C GLU C 132 -6.08 -25.87 -19.26
N PHE C 133 -7.16 -26.09 -18.50
CA PHE C 133 -7.93 -27.35 -18.54
C PHE C 133 -9.19 -27.22 -19.34
N GLY C 134 -9.31 -26.10 -20.05
CA GLY C 134 -10.50 -25.85 -20.84
C GLY C 134 -11.68 -25.28 -20.06
N THR C 135 -11.51 -24.85 -18.81
CA THR C 135 -12.61 -24.24 -18.02
C THR C 135 -13.19 -22.98 -18.66
N ARG C 136 -14.52 -22.96 -18.76
CA ARG C 136 -15.26 -21.81 -19.31
C ARG C 136 -16.20 -21.28 -18.26
N GLU C 137 -16.62 -22.16 -17.35
CA GLU C 137 -17.80 -21.93 -16.54
C GLU C 137 -17.40 -21.95 -15.07
N ILE C 138 -17.94 -20.98 -14.31
CA ILE C 138 -17.49 -20.74 -12.94
C ILE C 138 -18.69 -20.67 -12.02
N ILE C 139 -18.62 -21.29 -10.84
CA ILE C 139 -19.67 -21.10 -9.86
C ILE C 139 -18.98 -20.62 -8.59
N THR C 140 -19.36 -19.46 -8.05
CA THR C 140 -18.76 -19.02 -6.78
C THR C 140 -19.77 -19.14 -5.64
N MET C 141 -19.29 -19.48 -4.47
CA MET C 141 -20.10 -19.70 -3.34
C MET C 141 -19.59 -18.79 -2.27
N GLY C 142 -20.51 -18.21 -1.51
CA GLY C 142 -20.14 -17.44 -0.33
C GLY C 142 -21.38 -16.96 0.46
N GLY C 143 -21.17 -15.93 1.28
CA GLY C 143 -22.22 -15.39 2.17
C GLY C 143 -22.69 -14.00 1.77
N TYR C 144 -23.89 -13.68 2.20
CA TYR C 144 -24.44 -12.33 2.08
C TYR C 144 -24.85 -11.86 3.47
N GLN C 145 -24.14 -10.86 3.99
CA GLN C 145 -24.26 -10.37 5.36
C GLN C 145 -25.64 -9.73 5.60
N VAL C 146 -26.30 -10.18 6.67
CA VAL C 146 -27.69 -9.81 6.97
C VAL C 146 -27.85 -9.57 8.50
N PRO C 147 -28.63 -8.54 8.92
CA PRO C 147 -28.70 -8.26 10.36
C PRO C 147 -29.42 -9.35 11.20
N GLU C 148 -30.26 -10.16 10.58
CA GLU C 148 -30.95 -11.28 11.23
C GLU C 148 -31.57 -12.24 10.20
N ILE C 149 -31.66 -13.53 10.55
CA ILE C 149 -32.34 -14.48 9.64
C ILE C 149 -33.70 -14.95 10.15
N GLN C 150 -34.71 -14.77 9.29
CA GLN C 150 -36.06 -15.21 9.54
C GLN C 150 -36.28 -16.62 8.99
N GLY C 151 -35.91 -17.60 9.80
CA GLY C 151 -36.12 -19.01 9.45
C GLY C 151 -35.10 -19.58 8.48
N GLU C 152 -35.57 -19.93 7.27
CA GLU C 152 -34.70 -20.58 6.29
C GLU C 152 -33.80 -19.60 5.53
N PRO C 153 -32.49 -19.87 5.54
CA PRO C 153 -31.55 -19.05 4.78
C PRO C 153 -31.92 -19.05 3.29
N ARG C 154 -32.02 -17.85 2.73
CA ARG C 154 -32.23 -17.68 1.31
C ARG C 154 -30.86 -17.66 0.58
N VAL C 155 -30.88 -17.88 -0.74
CA VAL C 155 -29.66 -17.87 -1.57
C VAL C 155 -29.80 -16.87 -2.68
N LEU C 156 -28.86 -15.91 -2.79
CA LEU C 156 -28.99 -14.87 -3.78
C LEU C 156 -28.09 -15.18 -4.96
N ALA C 157 -28.63 -15.00 -6.16
CA ALA C 157 -28.01 -15.43 -7.41
C ALA C 157 -27.80 -14.24 -8.30
N ALA C 158 -26.65 -14.22 -8.97
CA ALA C 158 -26.39 -13.30 -10.05
C ALA C 158 -25.46 -14.01 -11.02
N VAL C 159 -25.51 -13.62 -12.28
CA VAL C 159 -24.80 -14.30 -13.35
C VAL C 159 -24.00 -13.27 -14.13
N THR C 160 -23.08 -13.72 -14.97
CA THR C 160 -22.24 -12.85 -15.76
C THR C 160 -22.90 -12.40 -17.05
N HIS C 161 -23.90 -13.15 -17.51
CA HIS C 161 -24.60 -12.83 -18.76
C HIS C 161 -26.11 -13.07 -18.57
N GLU C 162 -26.91 -12.21 -19.18
CA GLU C 162 -28.38 -12.26 -19.07
C GLU C 162 -29.00 -13.63 -19.45
N ASP C 163 -28.56 -14.24 -20.55
CA ASP C 163 -29.15 -15.49 -21.05
C ASP C 163 -29.05 -16.68 -20.11
N LEU C 164 -28.17 -16.54 -19.11
CA LEU C 164 -27.88 -17.59 -18.19
C LEU C 164 -28.88 -17.64 -17.07
N ILE C 165 -29.69 -16.59 -16.92
CA ILE C 165 -30.69 -16.65 -15.83
C ILE C 165 -31.63 -17.85 -16.02
N GLU C 166 -32.12 -18.05 -17.23
CA GLU C 166 -33.08 -19.14 -17.41
C GLU C 166 -32.38 -20.50 -17.57
N TYR C 167 -31.15 -20.44 -18.07
CA TYR C 167 -30.28 -21.61 -18.06
C TYR C 167 -30.21 -22.14 -16.64
N TYR C 168 -29.77 -21.31 -15.69
CA TYR C 168 -29.62 -21.82 -14.33
C TYR C 168 -30.95 -22.00 -13.65
N LYS C 169 -31.94 -21.19 -14.03
CA LYS C 169 -33.30 -21.38 -13.46
C LYS C 169 -33.81 -22.77 -13.74
N SER C 170 -33.64 -23.24 -14.98
CA SER C 170 -34.05 -24.60 -15.39
C SER C 170 -33.40 -25.65 -14.50
N LYS C 171 -32.07 -25.56 -14.38
CA LYS C 171 -31.30 -26.52 -13.59
C LYS C 171 -31.78 -26.56 -12.17
N LEU C 172 -32.26 -25.42 -11.68
CA LEU C 172 -32.66 -25.25 -10.28
C LEU C 172 -34.13 -25.59 -9.99
N GLU C 173 -34.94 -25.69 -11.04
CA GLU C 173 -36.36 -26.07 -10.93
C GLU C 173 -36.51 -27.29 -9.98
N GLY C 174 -37.25 -27.13 -8.89
CA GLY C 174 -37.49 -28.23 -7.93
C GLY C 174 -36.58 -28.31 -6.72
N CYS C 175 -35.63 -27.39 -6.64
CA CYS C 175 -34.70 -27.34 -5.55
C CYS C 175 -35.45 -26.93 -4.29
N SER C 176 -35.09 -27.51 -3.14
CA SER C 176 -35.71 -27.12 -1.86
C SER C 176 -35.44 -25.67 -1.41
N VAL C 177 -34.21 -25.19 -1.57
CA VAL C 177 -33.84 -23.84 -1.13
C VAL C 177 -34.40 -22.78 -2.05
N GLU C 178 -34.87 -21.70 -1.43
CA GLU C 178 -35.34 -20.54 -2.18
C GLU C 178 -34.13 -19.77 -2.77
N VAL C 179 -34.19 -19.50 -4.08
CA VAL C 179 -33.12 -18.81 -4.78
C VAL C 179 -33.67 -17.51 -5.32
N ILE C 180 -33.22 -16.39 -4.75
CA ILE C 180 -33.63 -15.07 -5.18
C ILE C 180 -32.69 -14.54 -6.24
N TRP C 181 -33.24 -14.17 -7.39
CA TRP C 181 -32.51 -13.51 -8.45
C TRP C 181 -32.32 -11.99 -8.18
N ARG C 182 -31.10 -11.61 -7.78
CA ARG C 182 -30.80 -10.30 -7.13
C ARG C 182 -31.24 -9.12 -7.91
N GLU C 183 -31.90 -8.17 -7.26
CA GLU C 183 -32.26 -6.95 -8.00
C GLU C 183 -31.60 -5.70 -7.42
N ASP C 184 -30.70 -5.88 -6.45
CA ASP C 184 -30.09 -4.76 -5.74
C ASP C 184 -29.03 -4.09 -6.60
N GLU C 185 -29.46 -3.38 -7.65
CA GLU C 185 -28.56 -2.66 -8.54
C GLU C 185 -27.54 -1.80 -7.74
N GLY C 186 -26.28 -1.80 -8.19
CA GLY C 186 -25.20 -1.14 -7.43
C GLY C 186 -24.77 -1.79 -6.11
N GLY C 187 -25.37 -2.92 -5.73
CA GLY C 187 -24.81 -3.74 -4.62
C GLY C 187 -23.47 -4.40 -5.05
N ALA C 188 -22.73 -4.97 -4.09
CA ALA C 188 -21.35 -5.40 -4.41
C ALA C 188 -21.07 -6.83 -3.98
N ILE C 189 -20.24 -7.53 -4.77
CA ILE C 189 -19.69 -8.80 -4.28
C ILE C 189 -18.19 -8.66 -4.17
N VAL C 190 -17.68 -8.78 -2.97
CA VAL C 190 -16.31 -8.40 -2.67
C VAL C 190 -15.37 -9.62 -2.68
N GLY C 191 -14.20 -9.49 -3.30
CA GLY C 191 -13.20 -10.58 -3.29
C GLY C 191 -13.44 -11.64 -4.37
N ALA C 192 -12.90 -12.84 -4.20
CA ALA C 192 -12.88 -13.87 -5.24
C ALA C 192 -14.27 -14.30 -5.69
N ALA C 193 -15.23 -14.38 -4.78
CA ALA C 193 -16.61 -14.69 -5.22
C ALA C 193 -17.12 -13.75 -6.29
N GLY C 194 -16.58 -12.53 -6.29
CA GLY C 194 -16.93 -11.57 -7.32
C GLY C 194 -15.91 -11.48 -8.43
N LEU C 195 -14.62 -11.28 -8.10
CA LEU C 195 -13.61 -11.03 -9.15
C LEU C 195 -13.46 -12.20 -10.14
N LEU C 196 -13.58 -13.45 -9.66
CA LEU C 196 -13.49 -14.60 -10.62
C LEU C 196 -14.48 -14.45 -11.73
N LEU C 197 -15.69 -14.03 -11.39
CA LEU C 197 -16.72 -13.88 -12.43
C LEU C 197 -16.46 -12.61 -13.25
N GLY C 198 -16.13 -11.51 -12.55
CA GLY C 198 -15.92 -10.22 -13.27
C GLY C 198 -14.78 -10.27 -14.25
N ILE C 199 -13.66 -10.82 -13.80
CA ILE C 199 -12.50 -10.99 -14.67
C ILE C 199 -12.77 -12.10 -15.66
N GLY C 200 -13.40 -13.16 -15.19
CA GLY C 200 -13.69 -14.27 -16.12
C GLY C 200 -14.48 -13.79 -17.32
N LYS C 201 -15.46 -12.95 -17.05
CA LYS C 201 -16.32 -12.39 -18.11
C LYS C 201 -15.55 -11.60 -19.18
N LEU C 202 -14.50 -10.89 -18.78
CA LEU C 202 -13.61 -10.22 -19.74
C LEU C 202 -12.89 -11.20 -20.65
N ARG C 203 -12.68 -12.42 -20.17
CA ARG C 203 -11.96 -13.42 -20.96
C ARG C 203 -12.90 -14.31 -21.75
N GLY C 204 -14.20 -14.10 -21.64
CA GLY C 204 -15.13 -14.89 -22.46
C GLY C 204 -15.67 -16.07 -21.68
N MET C 205 -15.33 -16.14 -20.39
CA MET C 205 -15.86 -17.13 -19.43
C MET C 205 -17.19 -16.65 -18.82
N PHE C 206 -17.85 -17.50 -18.05
CA PHE C 206 -19.22 -17.20 -17.63
C PHE C 206 -19.56 -17.97 -16.40
N GLY C 207 -20.60 -17.54 -15.71
CA GLY C 207 -21.02 -18.31 -14.56
C GLY C 207 -21.96 -17.62 -13.62
N ILE C 208 -21.98 -18.06 -12.38
CA ILE C 208 -23.02 -17.65 -11.46
C ILE C 208 -22.41 -17.54 -10.07
N SER C 209 -22.88 -16.55 -9.32
CA SER C 209 -22.56 -16.36 -7.96
C SER C 209 -23.75 -16.81 -7.12
N LEU C 210 -23.52 -17.60 -6.09
CA LEU C 210 -24.58 -17.96 -5.22
C LEU C 210 -24.14 -17.62 -3.82
N LEU C 211 -24.85 -16.69 -3.18
CA LEU C 211 -24.50 -16.23 -1.84
C LEU C 211 -25.66 -16.45 -0.88
N GLY C 212 -25.34 -17.00 0.27
CA GLY C 212 -26.33 -17.32 1.24
C GLY C 212 -26.38 -16.30 2.36
N GLU C 213 -27.62 -15.99 2.79
CA GLU C 213 -27.84 -15.12 3.91
C GLU C 213 -27.24 -15.70 5.16
N SER C 214 -26.51 -14.87 5.89
CA SER C 214 -25.78 -15.29 7.06
C SER C 214 -25.62 -14.11 8.01
N LEU C 215 -25.52 -14.42 9.30
CA LEU C 215 -25.28 -13.40 10.32
C LEU C 215 -23.85 -12.89 10.11
N GLY C 216 -22.93 -13.81 9.88
CA GLY C 216 -21.63 -13.44 9.35
C GLY C 216 -20.45 -13.59 10.28
N TYR C 217 -20.70 -13.51 11.58
CA TYR C 217 -19.63 -13.61 12.56
C TYR C 217 -19.59 -14.98 13.17
N ILE C 218 -20.42 -15.85 12.64
CA ILE C 218 -20.45 -17.25 13.05
C ILE C 218 -20.04 -18.15 11.89
N VAL C 219 -19.33 -19.23 12.18
CA VAL C 219 -19.23 -20.33 11.23
C VAL C 219 -20.63 -20.87 10.93
N ASP C 220 -21.12 -20.60 9.73
CA ASP C 220 -22.52 -20.83 9.37
C ASP C 220 -22.76 -22.11 8.52
N ALA C 221 -22.68 -23.25 9.18
CA ALA C 221 -22.87 -24.56 8.52
C ALA C 221 -24.18 -24.68 7.80
N LYS C 222 -25.24 -24.05 8.34
CA LYS C 222 -26.60 -24.17 7.78
C LYS C 222 -26.80 -23.35 6.50
N ALA C 223 -26.19 -22.16 6.44
CA ALA C 223 -26.27 -21.42 5.19
C ALA C 223 -25.38 -22.14 4.14
N ALA C 224 -24.27 -22.71 4.59
CA ALA C 224 -23.38 -23.50 3.72
C ALA C 224 -24.19 -24.64 3.05
N LYS C 225 -24.98 -25.33 3.88
CA LYS C 225 -25.89 -26.37 3.37
C LYS C 225 -26.78 -25.84 2.25
N ALA C 226 -27.38 -24.68 2.49
CA ALA C 226 -28.31 -24.14 1.52
C ALA C 226 -27.63 -23.77 0.21
N VAL C 227 -26.45 -23.16 0.31
CA VAL C 227 -25.71 -22.78 -0.91
C VAL C 227 -25.30 -24.05 -1.68
N LEU C 228 -24.81 -25.02 -0.95
CA LEU C 228 -24.30 -26.26 -1.55
C LEU C 228 -25.41 -27.14 -2.13
N SER C 229 -26.63 -27.05 -1.55
CA SER C 229 -27.84 -27.66 -2.15
C SER C 229 -28.17 -27.02 -3.48
N ALA C 230 -28.03 -25.70 -3.55
CA ALA C 230 -28.30 -25.05 -4.82
C ALA C 230 -27.25 -25.46 -5.85
N VAL C 231 -25.97 -25.42 -5.47
CA VAL C 231 -24.89 -25.78 -6.39
C VAL C 231 -24.97 -27.28 -6.83
N THR C 232 -25.01 -28.22 -5.88
CA THR C 232 -25.17 -29.64 -6.27
C THR C 232 -26.41 -29.86 -7.12
N LYS C 233 -27.48 -29.15 -6.81
CA LYS C 233 -28.65 -29.22 -7.69
C LYS C 233 -28.37 -28.78 -9.12
N ILE C 234 -27.66 -27.66 -9.31
CA ILE C 234 -27.25 -27.29 -10.68
C ILE C 234 -26.35 -28.35 -11.36
N LEU C 235 -25.53 -29.04 -10.56
CA LEU C 235 -24.56 -29.98 -11.08
C LEU C 235 -25.17 -31.36 -11.40
N GLY C 236 -26.35 -31.65 -10.85
CA GLY C 236 -27.01 -32.94 -11.03
C GLY C 236 -26.46 -33.97 -10.04
N LEU C 237 -25.99 -33.51 -8.89
CA LEU C 237 -25.38 -34.43 -7.94
C LEU C 237 -26.21 -34.47 -6.70
N GLU C 238 -26.17 -35.61 -6.01
CA GLU C 238 -26.80 -35.69 -4.69
C GLU C 238 -25.74 -36.02 -3.68
N ILE C 239 -25.66 -35.19 -2.66
CA ILE C 239 -24.56 -35.28 -1.74
C ILE C 239 -25.20 -35.34 -0.39
N ASP C 240 -24.67 -36.18 0.47
CA ASP C 240 -25.18 -36.30 1.81
C ASP C 240 -24.77 -35.05 2.63
N MET C 241 -25.79 -34.30 3.09
CA MET C 241 -25.58 -33.06 3.90
C MET C 241 -25.50 -33.25 5.43
N THR C 242 -25.48 -34.51 5.88
CA THR C 242 -25.51 -34.84 7.31
C THR C 242 -24.51 -34.05 8.14
N ALA C 243 -23.23 -34.12 7.76
CA ALA C 243 -22.18 -33.53 8.59
C ALA C 243 -22.38 -32.01 8.78
N LEU C 244 -23.04 -31.37 7.81
CA LEU C 244 -23.29 -29.93 7.90
C LEU C 244 -24.44 -29.67 8.89
N ASP C 245 -25.57 -30.38 8.71
CA ASP C 245 -26.68 -30.44 9.70
C ASP C 245 -26.17 -30.53 11.13
N GLU C 246 -25.28 -31.49 11.35
CA GLU C 246 -24.71 -31.72 12.67
C GLU C 246 -23.87 -30.57 13.18
N ARG C 247 -23.19 -29.86 12.28
CA ARG C 247 -22.43 -28.69 12.71
C ARG C 247 -23.35 -27.51 12.98
N ALA C 248 -24.40 -27.34 12.18
CA ALA C 248 -25.36 -26.27 12.43
C ALA C 248 -26.06 -26.46 13.78
N LYS C 249 -26.46 -27.71 14.07
CA LYS C 249 -27.06 -28.06 15.36
C LYS C 249 -26.11 -27.77 16.51
N GLU C 250 -24.86 -28.24 16.42
CA GLU C 250 -23.89 -27.96 17.48
C GLU C 250 -23.67 -26.45 17.72
N THR C 251 -23.56 -25.66 16.66
CA THR C 251 -23.32 -24.22 16.81
C THR C 251 -24.58 -23.47 17.30
N GLU C 252 -25.75 -23.96 16.93
CA GLU C 252 -27.02 -23.43 17.45
C GLU C 252 -27.10 -23.55 18.97
N GLU C 253 -26.75 -24.73 19.49
CA GLU C 253 -26.74 -24.97 20.93
C GLU C 253 -25.79 -24.02 21.66
N ILE C 254 -24.57 -23.96 21.17
CA ILE C 254 -23.51 -23.17 21.78
C ILE C 254 -23.78 -21.65 21.71
N LEU C 255 -24.49 -21.20 20.67
CA LEU C 255 -24.84 -19.79 20.52
C LEU C 255 -25.80 -19.29 21.61
N ARG C 256 -26.84 -20.08 21.89
CA ARG C 256 -27.86 -19.70 22.85
C ARG C 256 -27.36 -19.91 24.28
N LYS C 257 -26.44 -20.86 24.44
CA LYS C 257 -25.73 -21.04 25.69
C LYS C 257 -24.73 -19.90 25.93
N VAL C 258 -24.50 -19.09 24.90
CA VAL C 258 -23.77 -17.83 25.04
C VAL C 258 -24.76 -16.70 25.34
N GLU C 259 -25.93 -16.74 24.69
CA GLU C 259 -27.05 -15.83 24.99
C GLU C 259 -27.57 -15.93 26.45
N GLU C 260 -27.02 -16.87 27.23
CA GLU C 260 -27.37 -16.99 28.63
C GLU C 260 -26.19 -16.62 29.52
N MET C 261 -24.98 -16.82 28.97
CA MET C 261 -23.74 -16.35 29.58
C MET C 261 -23.72 -14.82 29.71
N GLN C 262 -24.43 -14.13 28.81
CA GLN C 262 -24.57 -12.67 28.88
C GLN C 262 -25.66 -12.26 29.89
N ARG C 263 -25.57 -12.84 31.09
CA ARG C 263 -26.26 -12.34 32.28
C ARG C 263 -25.15 -11.91 33.26
N ALA C 264 -24.03 -11.48 32.66
CA ALA C 264 -22.85 -10.98 33.36
C ALA C 264 -22.63 -9.50 33.02
N GLY D 15 24.60 2.43 -5.34
CA GLY D 15 23.63 2.03 -4.25
C GLY D 15 22.21 2.39 -4.64
N LYS D 16 21.73 1.77 -5.74
CA LYS D 16 20.34 1.89 -6.17
C LYS D 16 19.50 1.12 -5.18
N MET D 17 18.35 1.69 -4.88
CA MET D 17 17.44 1.06 -3.92
C MET D 17 16.13 0.86 -4.68
N LYS D 18 16.21 0.20 -5.84
CA LYS D 18 15.01 -0.23 -6.60
C LYS D 18 14.42 -1.47 -5.97
N GLU D 19 15.27 -2.25 -5.35
CA GLU D 19 14.81 -3.36 -4.54
C GLU D 19 15.75 -3.62 -3.38
N THR D 20 15.36 -4.59 -2.55
CA THR D 20 16.19 -5.05 -1.47
C THR D 20 17.55 -5.52 -2.03
N THR D 21 18.64 -5.03 -1.43
CA THR D 21 19.98 -5.32 -1.93
C THR D 21 20.91 -5.70 -0.76
N ILE D 22 21.77 -6.67 -1.04
CA ILE D 22 22.77 -7.09 -0.06
C ILE D 22 24.15 -6.60 -0.52
N VAL D 23 24.81 -5.84 0.34
CA VAL D 23 26.18 -5.40 0.10
C VAL D 23 27.10 -6.43 0.79
N VAL D 24 27.88 -7.13 -0.02
CA VAL D 24 28.74 -8.21 0.44
C VAL D 24 30.15 -7.70 0.66
N TYR D 25 30.66 -7.88 1.87
CA TYR D 25 32.05 -7.54 2.21
C TYR D 25 33.06 -8.66 1.97
N GLU D 26 32.66 -9.92 2.15
CA GLU D 26 33.57 -11.06 2.04
C GLU D 26 32.78 -12.30 1.72
N ARG D 27 33.33 -13.18 0.87
CA ARG D 27 32.72 -14.49 0.68
C ARG D 27 33.36 -15.57 1.57
N PRO D 28 32.87 -15.69 2.81
CA PRO D 28 33.50 -16.55 3.81
C PRO D 28 33.63 -17.99 3.34
N ASP D 29 34.71 -18.62 3.76
CA ASP D 29 35.03 -19.97 3.34
C ASP D 29 34.19 -20.96 4.13
N ILE D 30 32.90 -21.06 3.80
CA ILE D 30 31.98 -21.83 4.64
C ILE D 30 31.19 -22.87 3.86
N TYR D 31 30.78 -23.90 4.57
CA TYR D 31 30.25 -25.10 3.94
C TYR D 31 28.99 -25.56 4.65
N ASP D 32 27.90 -25.66 3.89
CA ASP D 32 26.63 -26.17 4.42
C ASP D 32 26.20 -25.54 5.76
N PRO D 33 26.33 -24.20 5.87
CA PRO D 33 26.03 -23.57 7.16
C PRO D 33 24.57 -23.65 7.54
N ILE D 34 24.32 -23.53 8.83
CA ILE D 34 22.96 -23.36 9.35
C ILE D 34 22.69 -21.85 9.41
N PHE D 35 21.56 -21.45 8.82
CA PHE D 35 21.16 -20.06 8.77
C PHE D 35 20.32 -19.82 10.01
N ILE D 36 20.83 -18.96 10.88
CA ILE D 36 20.17 -18.64 12.14
C ILE D 36 19.62 -17.23 12.10
N GLU D 37 18.32 -17.07 12.32
CA GLU D 37 17.71 -15.73 12.23
C GLU D 37 17.29 -15.22 13.59
N GLY D 38 17.67 -14.00 13.90
CA GLY D 38 17.21 -13.36 15.13
C GLY D 38 16.99 -11.88 14.88
N LEU D 39 15.94 -11.55 14.14
CA LEU D 39 15.60 -10.16 13.86
C LEU D 39 14.62 -9.63 14.94
N PRO D 40 14.40 -8.28 15.00
CA PRO D 40 13.46 -7.74 16.00
C PRO D 40 12.06 -8.33 15.94
N GLY D 41 11.42 -8.43 17.10
CA GLY D 41 10.08 -8.99 17.22
C GLY D 41 9.73 -9.04 18.68
N ILE D 42 8.80 -9.91 19.04
CA ILE D 42 8.28 -10.02 20.39
C ILE D 42 9.39 -10.12 21.44
N GLY D 43 9.36 -9.19 22.40
CA GLY D 43 10.24 -9.22 23.60
C GLY D 43 11.68 -8.95 23.23
N LEU D 44 11.91 -8.64 21.96
CA LEU D 44 13.23 -8.65 21.33
C LEU D 44 13.97 -9.96 21.63
N VAL D 45 13.21 -11.03 21.72
CA VAL D 45 13.77 -12.30 22.13
C VAL D 45 14.79 -12.85 21.12
N GLY D 46 14.44 -12.89 19.83
CA GLY D 46 15.38 -13.44 18.82
C GLY D 46 16.60 -12.56 18.59
N LYS D 47 16.42 -11.25 18.74
CA LYS D 47 17.49 -10.35 18.46
C LYS D 47 18.59 -10.39 19.56
N LEU D 48 18.18 -10.35 20.82
CA LEU D 48 19.13 -10.50 21.92
C LEU D 48 19.86 -11.82 21.83
N ALA D 49 19.13 -12.89 21.51
CA ALA D 49 19.70 -14.23 21.36
C ALA D 49 20.73 -14.26 20.25
N ALA D 50 20.40 -13.69 19.09
CA ALA D 50 21.32 -13.61 17.97
C ALA D 50 22.57 -12.81 18.33
N GLU D 51 22.35 -11.64 18.92
CA GLU D 51 23.46 -10.72 19.28
C GLU D 51 24.40 -11.34 20.30
N HIS D 52 23.84 -12.07 21.25
CA HIS D 52 24.66 -12.73 22.23
C HIS D 52 25.38 -13.93 21.63
N LEU D 53 24.73 -14.66 20.74
CA LEU D 53 25.42 -15.72 20.01
C LEU D 53 26.59 -15.21 19.17
N ILE D 54 26.36 -14.10 18.46
CA ILE D 54 27.39 -13.46 17.64
C ILE D 54 28.61 -13.06 18.47
N GLN D 55 28.34 -12.43 19.61
CA GLN D 55 29.32 -11.92 20.54
C GLN D 55 30.15 -13.09 21.12
N GLU D 56 29.50 -14.00 21.82
CA GLU D 56 30.17 -15.16 22.40
C GLU D 56 31.01 -16.00 21.43
N LEU D 57 30.54 -16.08 20.18
CA LEU D 57 31.14 -16.92 19.15
C LEU D 57 32.22 -16.18 18.34
N LYS D 58 32.35 -14.86 18.58
CA LYS D 58 33.17 -13.96 17.76
C LYS D 58 32.84 -14.06 16.26
N ALA D 59 31.55 -14.21 15.94
CA ALA D 59 31.11 -14.31 14.55
C ALA D 59 31.48 -13.03 13.84
N LYS D 60 31.81 -13.14 12.56
CA LYS D 60 32.38 -12.04 11.80
C LYS D 60 31.34 -11.48 10.81
N LYS D 61 31.18 -10.16 10.80
CA LYS D 61 30.23 -9.51 9.89
C LYS D 61 30.69 -9.67 8.45
N PHE D 62 29.92 -10.32 7.58
CA PHE D 62 30.33 -10.41 6.17
C PHE D 62 29.41 -9.77 5.10
N ALA D 63 28.21 -9.33 5.47
CA ALA D 63 27.29 -8.67 4.51
C ALA D 63 26.18 -7.85 5.20
N GLU D 64 25.59 -6.92 4.46
CA GLU D 64 24.57 -6.04 4.97
C GLU D 64 23.44 -5.92 3.96
N LEU D 65 22.21 -5.88 4.47
CA LEU D 65 20.99 -5.84 3.65
C LEU D 65 20.26 -4.51 3.93
N TYR D 66 19.92 -3.83 2.84
CA TYR D 66 19.16 -2.60 2.91
C TYR D 66 17.92 -2.89 2.10
N SER D 67 16.83 -2.20 2.43
CA SER D 67 15.58 -2.44 1.70
C SER D 67 14.76 -1.18 1.61
N PRO D 68 14.26 -0.85 0.40
CA PRO D 68 13.31 0.27 0.21
C PRO D 68 11.92 -0.06 0.79
N HIS D 69 11.73 -1.28 1.25
CA HIS D 69 10.53 -1.61 2.02
C HIS D 69 10.69 -1.39 3.52
N PHE D 70 11.87 -1.02 4.00
CA PHE D 70 11.99 -0.60 5.43
C PHE D 70 11.42 0.78 5.61
N MET D 71 11.15 1.14 6.85
CA MET D 71 10.67 2.46 7.16
C MET D 71 11.61 3.49 6.55
N HIS D 72 11.00 4.59 6.06
CA HIS D 72 11.72 5.59 5.28
C HIS D 72 12.46 6.60 6.17
N GLN D 73 13.45 6.08 6.88
CA GLN D 73 14.21 6.93 7.81
C GLN D 73 15.63 6.45 7.94
N VAL D 74 16.49 7.33 8.43
CA VAL D 74 17.76 6.85 8.98
C VAL D 74 17.72 6.87 10.51
N LEU D 75 18.62 6.08 11.08
CA LEU D 75 18.78 6.02 12.54
C LEU D 75 20.06 6.73 12.96
N ILE D 76 20.02 7.33 14.15
CA ILE D 76 21.20 7.90 14.76
C ILE D 76 22.04 6.77 15.34
N ARG D 77 23.28 6.58 14.88
CA ARG D 77 24.16 5.57 15.49
C ARG D 77 25.09 6.24 16.55
N LYS D 78 26.15 5.57 16.97
CA LYS D 78 27.15 6.18 17.88
C LYS D 78 27.87 7.30 17.16
N ASN D 79 28.27 8.31 17.93
CA ASN D 79 29.15 9.33 17.47
C ASN D 79 28.42 10.26 16.42
N SER D 80 27.10 10.44 16.62
CA SER D 80 26.30 11.37 15.79
C SER D 80 26.32 10.99 14.28
N VAL D 81 26.42 9.71 13.99
CA VAL D 81 26.45 9.17 12.64
C VAL D 81 25.02 8.72 12.21
N VAL D 82 24.55 9.12 11.02
CA VAL D 82 23.28 8.56 10.48
C VAL D 82 23.55 7.37 9.59
N GLU D 83 22.60 6.43 9.55
CA GLU D 83 22.68 5.29 8.69
C GLU D 83 21.29 4.73 8.37
N LEU D 84 21.06 4.26 7.13
CA LEU D 84 19.79 3.60 6.84
C LEU D 84 19.54 2.45 7.84
N MET D 85 18.29 2.04 7.96
CA MET D 85 17.97 0.83 8.69
C MET D 85 18.44 -0.37 7.85
N LYS D 86 18.94 -1.38 8.54
CA LYS D 86 19.60 -2.47 7.85
C LYS D 86 19.53 -3.78 8.63
N ASN D 87 19.87 -4.87 7.95
CA ASN D 87 20.09 -6.15 8.57
C ASN D 87 21.57 -6.53 8.34
N GLU D 88 22.16 -7.34 9.21
CA GLU D 88 23.59 -7.70 9.03
C GLU D 88 23.77 -9.20 9.05
N PHE D 89 24.66 -9.69 8.20
CA PHE D 89 24.96 -11.13 8.17
C PHE D 89 26.34 -11.38 8.84
N TYR D 90 26.39 -12.36 9.72
CA TYR D 90 27.61 -12.74 10.40
C TYR D 90 27.84 -14.22 10.14
N TYR D 91 29.11 -14.62 10.00
CA TYR D 91 29.42 -16.06 9.91
C TYR D 91 30.35 -16.53 11.04
N TRP D 92 30.18 -17.80 11.37
CA TRP D 92 31.06 -18.50 12.26
C TRP D 92 31.61 -19.70 11.52
N LYS D 93 32.91 -19.71 11.27
CA LYS D 93 33.59 -20.90 10.75
C LYS D 93 33.88 -21.87 11.89
N SER D 94 33.28 -23.06 11.85
CA SER D 94 33.53 -24.11 12.85
C SER D 94 34.99 -24.58 12.73
N PRO D 95 35.69 -24.77 13.89
CA PRO D 95 37.09 -25.21 13.80
C PRO D 95 37.25 -26.72 13.58
N ASP D 96 36.13 -27.44 13.42
CA ASP D 96 36.14 -28.90 13.28
C ASP D 96 34.87 -29.45 12.64
N ASP D 97 35.01 -30.63 12.05
CA ASP D 97 33.93 -31.34 11.36
C ASP D 97 32.75 -31.76 12.26
N GLU D 98 32.85 -31.54 13.57
CA GLU D 98 31.78 -32.01 14.46
C GLU D 98 30.67 -30.97 14.75
N HIS D 99 30.90 -29.73 14.31
CA HIS D 99 29.91 -28.66 14.41
C HIS D 99 29.76 -27.94 13.07
N ARG D 100 28.55 -27.45 12.79
CA ARG D 100 28.26 -26.84 11.49
C ARG D 100 28.71 -25.40 11.45
N ASP D 101 29.21 -24.95 10.31
CA ASP D 101 29.33 -23.50 10.05
C ASP D 101 27.97 -22.76 10.25
N LEU D 102 28.02 -21.46 10.55
CA LEU D 102 26.78 -20.72 10.78
C LEU D 102 26.74 -19.44 10.02
N ILE D 103 25.54 -19.11 9.52
CA ILE D 103 25.19 -17.73 9.15
C ILE D 103 24.10 -17.21 10.10
N ILE D 104 24.36 -16.04 10.66
CA ILE D 104 23.47 -15.46 11.62
C ILE D 104 23.02 -14.10 11.11
N VAL D 105 21.70 -13.91 11.00
CA VAL D 105 21.20 -12.57 10.61
C VAL D 105 20.51 -11.89 11.79
N THR D 106 20.77 -10.59 11.92
CA THR D 106 20.07 -9.73 12.85
C THR D 106 19.95 -8.30 12.23
N GLY D 107 19.42 -7.32 12.95
CA GLY D 107 19.38 -5.98 12.38
C GLY D 107 18.48 -5.02 13.09
N ASP D 108 18.22 -3.86 12.47
CA ASP D 108 17.43 -2.82 13.17
C ASP D 108 15.95 -3.08 13.13
N THR D 109 15.46 -3.89 12.21
CA THR D 109 14.05 -3.86 11.96
C THR D 109 13.60 -4.90 10.94
N GLN D 110 12.28 -5.10 10.86
CA GLN D 110 11.68 -5.86 9.77
C GLN D 110 10.79 -4.89 9.00
N VAL D 111 10.33 -5.32 7.82
CA VAL D 111 9.39 -4.49 7.04
C VAL D 111 8.18 -4.14 7.95
N PRO D 112 7.59 -2.95 7.77
CA PRO D 112 6.43 -2.65 8.61
C PRO D 112 5.23 -3.64 8.42
N PRO D 113 4.31 -3.69 9.40
CA PRO D 113 3.15 -4.61 9.32
C PRO D 113 2.22 -4.33 8.14
N THR D 114 2.30 -3.14 7.56
CA THR D 114 1.36 -2.78 6.51
C THR D 114 1.79 -3.22 5.10
N ASP D 115 2.95 -3.85 4.95
CA ASP D 115 3.52 -4.14 3.62
C ASP D 115 3.85 -5.62 3.51
N SER D 116 2.83 -6.46 3.38
CA SER D 116 3.10 -7.91 3.29
C SER D 116 4.01 -8.29 2.16
N TYR D 117 3.76 -7.76 0.98
CA TYR D 117 4.66 -8.01 -0.14
C TYR D 117 6.17 -7.81 0.23
N GLY D 118 6.45 -6.70 0.91
CA GLY D 118 7.83 -6.33 1.30
C GLY D 118 8.46 -7.41 2.16
N HIS D 119 7.68 -8.06 3.02
CA HIS D 119 8.23 -9.13 3.86
C HIS D 119 8.69 -10.33 3.03
N PHE D 120 7.88 -10.71 2.06
CA PHE D 120 8.23 -11.78 1.10
C PHE D 120 9.46 -11.46 0.30
N GLU D 121 9.55 -10.20 -0.13
CA GLU D 121 10.69 -9.75 -0.90
C GLU D 121 12.00 -9.79 -0.06
N VAL D 122 11.94 -9.29 1.15
CA VAL D 122 13.11 -9.29 1.99
C VAL D 122 13.54 -10.73 2.32
N ALA D 123 12.60 -11.56 2.70
CA ALA D 123 12.88 -12.90 3.12
C ALA D 123 13.45 -13.67 1.91
N GLY D 124 12.78 -13.52 0.77
CA GLY D 124 13.28 -13.97 -0.48
C GLY D 124 14.75 -13.69 -0.76
N LYS D 125 15.19 -12.43 -0.61
CA LYS D 125 16.57 -12.05 -0.89
C LYS D 125 17.53 -12.68 0.11
N MET D 126 17.07 -12.86 1.36
CA MET D 126 17.93 -13.47 2.37
C MET D 126 18.21 -14.91 2.00
N LEU D 127 17.14 -15.64 1.63
CA LEU D 127 17.27 -17.02 1.29
C LEU D 127 18.15 -17.20 0.02
N ASP D 128 17.99 -16.31 -0.98
CA ASP D 128 18.79 -16.37 -2.23
C ASP D 128 20.25 -16.26 -1.84
N PHE D 129 20.53 -15.25 -1.00
CA PHE D 129 21.86 -15.03 -0.50
C PHE D 129 22.46 -16.27 0.19
N VAL D 130 21.79 -16.82 1.20
CA VAL D 130 22.42 -17.91 1.95
C VAL D 130 22.56 -19.18 1.11
N GLN D 131 21.69 -19.37 0.12
CA GLN D 131 21.80 -20.51 -0.80
C GLN D 131 23.06 -20.51 -1.66
N GLU D 132 23.67 -19.34 -1.78
CA GLU D 132 24.91 -19.20 -2.50
C GLU D 132 26.03 -19.94 -1.75
N PHE D 133 25.81 -20.21 -0.47
CA PHE D 133 26.84 -20.78 0.38
C PHE D 133 26.52 -22.19 0.73
N GLY D 134 25.55 -22.77 0.03
CA GLY D 134 25.09 -24.13 0.32
C GLY D 134 24.06 -24.31 1.43
N THR D 135 23.53 -23.22 2.01
CA THR D 135 22.59 -23.34 3.15
C THR D 135 21.38 -24.15 2.76
N ARG D 136 21.04 -25.09 3.63
CA ARG D 136 19.85 -25.92 3.47
C ARG D 136 18.94 -25.80 4.68
N GLU D 137 19.55 -25.50 5.83
CA GLU D 137 18.88 -25.68 7.10
C GLU D 137 18.77 -24.33 7.77
N ILE D 138 17.61 -24.08 8.38
CA ILE D 138 17.32 -22.76 8.96
C ILE D 138 16.82 -22.96 10.38
N ILE D 139 17.30 -22.13 11.28
CA ILE D 139 16.75 -22.07 12.61
C ILE D 139 16.29 -20.64 12.85
N THR D 140 15.01 -20.44 13.14
CA THR D 140 14.58 -19.09 13.44
C THR D 140 14.26 -19.00 14.92
N MET D 141 14.58 -17.84 15.49
CA MET D 141 14.41 -17.57 16.93
C MET D 141 13.54 -16.33 17.12
N GLY D 142 12.58 -16.41 18.03
CA GLY D 142 11.82 -15.23 18.39
C GLY D 142 11.06 -15.44 19.67
N GLY D 143 9.91 -14.73 19.77
CA GLY D 143 9.08 -14.69 20.92
C GLY D 143 7.65 -15.05 20.61
N TYR D 144 6.96 -15.45 21.68
CA TYR D 144 5.55 -15.82 21.64
C TYR D 144 4.91 -15.07 22.80
N GLN D 145 3.96 -14.20 22.49
CA GLN D 145 3.37 -13.37 23.50
C GLN D 145 2.39 -14.12 24.41
N VAL D 146 2.69 -14.07 25.72
CA VAL D 146 1.80 -14.61 26.76
C VAL D 146 1.29 -13.49 27.69
N PRO D 147 0.14 -13.72 28.39
CA PRO D 147 -0.32 -12.67 29.35
C PRO D 147 0.44 -12.69 30.71
N GLU D 148 0.94 -13.87 31.11
CA GLU D 148 1.81 -13.98 32.28
C GLU D 148 2.80 -15.14 32.10
N ILE D 149 3.91 -15.09 32.85
CA ILE D 149 4.78 -16.25 32.92
C ILE D 149 4.78 -16.74 34.36
N GLN D 150 4.49 -18.02 34.55
CA GLN D 150 4.44 -18.62 35.89
C GLN D 150 5.80 -19.19 36.32
N GLY D 151 6.42 -20.00 35.47
CA GLY D 151 7.69 -20.67 35.84
C GLY D 151 8.90 -20.08 35.15
N GLU D 152 9.81 -20.95 34.73
CA GLU D 152 10.84 -20.57 33.78
C GLU D 152 10.15 -20.51 32.42
N PRO D 153 10.62 -19.64 31.48
CA PRO D 153 9.93 -19.58 30.17
C PRO D 153 10.05 -20.89 29.40
N ARG D 154 9.02 -21.25 28.67
CA ARG D 154 9.18 -22.38 27.76
C ARG D 154 9.45 -21.91 26.31
N VAL D 155 10.01 -22.81 25.52
CA VAL D 155 10.34 -22.56 24.14
C VAL D 155 9.38 -23.40 23.34
N LEU D 156 8.70 -22.76 22.38
CA LEU D 156 7.72 -23.46 21.53
C LEU D 156 8.32 -23.76 20.18
N ALA D 157 8.22 -25.01 19.75
CA ALA D 157 8.95 -25.47 18.59
C ALA D 157 8.02 -25.91 17.49
N ALA D 158 8.42 -25.67 16.24
CA ALA D 158 7.72 -26.21 15.07
C ALA D 158 8.67 -26.29 13.91
N VAL D 159 8.35 -27.13 12.92
CA VAL D 159 9.33 -27.48 11.87
C VAL D 159 8.72 -27.40 10.50
N THR D 160 9.57 -27.39 9.47
CA THR D 160 9.12 -27.41 8.10
C THR D 160 8.60 -28.76 7.60
N HIS D 161 9.07 -29.86 8.21
CA HIS D 161 8.69 -31.24 7.81
C HIS D 161 8.55 -32.17 9.02
N GLU D 162 7.52 -33.00 9.02
CA GLU D 162 7.25 -33.94 10.11
C GLU D 162 8.48 -34.78 10.59
N ASP D 163 9.24 -35.32 9.65
CA ASP D 163 10.34 -36.22 9.99
C ASP D 163 11.43 -35.50 10.81
N LEU D 164 11.31 -34.18 10.93
CA LEU D 164 12.34 -33.39 11.60
C LEU D 164 12.11 -33.32 13.09
N ILE D 165 10.88 -33.63 13.52
CA ILE D 165 10.56 -33.63 14.95
C ILE D 165 11.47 -34.61 15.72
N GLU D 166 11.61 -35.82 15.17
CA GLU D 166 12.42 -36.90 15.76
C GLU D 166 13.87 -36.42 15.82
N TYR D 167 14.28 -35.77 14.72
CA TYR D 167 15.64 -35.33 14.55
C TYR D 167 16.06 -34.27 15.56
N TYR D 168 15.25 -33.22 15.70
CA TYR D 168 15.60 -32.12 16.63
C TYR D 168 15.34 -32.54 18.06
N LYS D 169 14.31 -33.36 18.27
CA LYS D 169 14.00 -33.90 19.60
C LYS D 169 15.18 -34.71 20.18
N SER D 170 15.88 -35.44 19.31
CA SER D 170 17.07 -36.20 19.71
C SER D 170 18.36 -35.34 19.77
N LYS D 171 18.28 -34.09 19.32
CA LYS D 171 19.38 -33.16 19.57
C LYS D 171 19.16 -32.42 20.88
N LEU D 172 17.92 -32.45 21.37
CA LEU D 172 17.53 -31.67 22.54
C LEU D 172 17.51 -32.42 23.87
N GLU D 173 17.54 -33.76 23.83
CA GLU D 173 17.59 -34.57 25.07
C GLU D 173 18.62 -34.02 26.06
N GLY D 174 18.22 -33.82 27.31
CA GLY D 174 19.14 -33.36 28.35
C GLY D 174 19.29 -31.85 28.38
N CYS D 175 18.28 -31.14 27.85
CA CYS D 175 18.30 -29.69 27.79
C CYS D 175 17.59 -29.09 29.00
N SER D 176 18.23 -28.10 29.62
CA SER D 176 17.72 -27.44 30.84
C SER D 176 16.47 -26.60 30.61
N VAL D 177 16.26 -26.15 29.37
CA VAL D 177 15.02 -25.48 29.00
C VAL D 177 13.98 -26.50 28.48
N GLU D 178 12.71 -26.30 28.80
CA GLU D 178 11.70 -27.19 28.26
C GLU D 178 11.05 -26.71 26.94
N VAL D 179 11.07 -27.63 25.96
CA VAL D 179 10.65 -27.35 24.60
C VAL D 179 9.29 -27.99 24.32
N ILE D 180 8.30 -27.16 24.04
CA ILE D 180 6.97 -27.66 23.72
C ILE D 180 6.79 -27.73 22.20
N TRP D 181 6.52 -28.94 21.72
CA TRP D 181 6.12 -29.13 20.35
C TRP D 181 4.68 -28.67 20.19
N ARG D 182 4.51 -27.52 19.53
CA ARG D 182 3.22 -26.81 19.59
C ARG D 182 2.13 -27.45 18.76
N GLU D 183 0.89 -27.26 19.22
CA GLU D 183 -0.28 -28.02 18.76
C GLU D 183 -1.41 -27.08 18.37
N ASP D 184 -1.14 -25.77 18.46
CA ASP D 184 -2.14 -24.75 18.17
C ASP D 184 -2.31 -24.62 16.68
N GLU D 185 -2.93 -25.63 16.09
CA GLU D 185 -3.20 -25.66 14.69
C GLU D 185 -4.03 -24.41 14.34
N GLY D 186 -3.59 -23.67 13.32
CA GLY D 186 -4.23 -22.40 12.95
C GLY D 186 -3.53 -21.17 13.52
N GLY D 187 -2.63 -21.39 14.48
CA GLY D 187 -1.79 -20.33 15.02
C GLY D 187 -0.83 -19.86 13.92
N ALA D 188 -0.26 -18.67 14.13
CA ALA D 188 0.55 -18.04 13.11
C ALA D 188 1.89 -17.68 13.70
N ILE D 189 2.94 -17.75 12.88
CA ILE D 189 4.19 -17.05 13.14
C ILE D 189 4.38 -15.97 12.08
N VAL D 190 4.46 -14.71 12.54
CA VAL D 190 4.43 -13.52 11.69
C VAL D 190 5.83 -13.01 11.41
N GLY D 191 6.12 -12.61 10.18
CA GLY D 191 7.41 -11.94 9.91
C GLY D 191 8.47 -12.96 9.56
N ALA D 192 9.73 -12.57 9.57
CA ALA D 192 10.83 -13.44 9.10
C ALA D 192 10.95 -14.81 9.82
N ALA D 193 10.69 -14.86 11.12
CA ALA D 193 10.74 -16.11 11.86
C ALA D 193 9.85 -17.16 11.27
N GLY D 194 8.75 -16.75 10.62
CA GLY D 194 7.83 -17.70 9.99
C GLY D 194 8.18 -17.90 8.51
N LEU D 195 8.36 -16.77 7.81
CA LEU D 195 8.49 -16.76 6.35
C LEU D 195 9.79 -17.39 5.86
N LEU D 196 10.89 -17.19 6.59
CA LEU D 196 12.14 -17.84 6.17
C LEU D 196 11.88 -19.36 6.07
N LEU D 197 11.14 -19.92 7.03
CA LEU D 197 10.85 -21.35 7.01
C LEU D 197 9.79 -21.66 5.97
N GLY D 198 8.75 -20.82 5.91
CA GLY D 198 7.67 -21.04 4.95
C GLY D 198 8.09 -20.96 3.50
N ILE D 199 8.89 -19.95 3.16
CA ILE D 199 9.41 -19.80 1.78
C ILE D 199 10.55 -20.81 1.52
N GLY D 200 11.42 -20.98 2.51
CA GLY D 200 12.48 -21.95 2.46
C GLY D 200 11.98 -23.32 2.04
N LYS D 201 10.88 -23.80 2.65
CA LYS D 201 10.43 -25.15 2.35
C LYS D 201 9.85 -25.30 0.93
N LEU D 202 9.43 -24.19 0.33
CA LEU D 202 9.13 -24.17 -1.11
C LEU D 202 10.34 -24.38 -2.02
N ARG D 203 11.53 -23.98 -1.57
CA ARG D 203 12.79 -24.17 -2.32
C ARG D 203 13.54 -25.44 -1.92
N GLY D 204 12.92 -26.35 -1.16
CA GLY D 204 13.65 -27.50 -0.65
C GLY D 204 14.47 -27.33 0.65
N MET D 205 14.63 -26.11 1.15
CA MET D 205 15.25 -25.91 2.46
C MET D 205 14.39 -26.41 3.61
N PHE D 206 14.94 -26.42 4.82
CA PHE D 206 14.14 -26.95 5.91
C PHE D 206 14.63 -26.42 7.23
N GLY D 207 13.89 -26.69 8.28
CA GLY D 207 14.41 -26.32 9.60
C GLY D 207 13.38 -26.15 10.67
N ILE D 208 13.70 -25.33 11.66
CA ILE D 208 12.92 -25.29 12.90
C ILE D 208 12.65 -23.87 13.39
N SER D 209 11.46 -23.65 13.91
CA SER D 209 11.10 -22.44 14.62
C SER D 209 11.17 -22.61 16.14
N LEU D 210 11.96 -21.77 16.82
CA LEU D 210 11.99 -21.79 18.29
C LEU D 210 11.50 -20.44 18.81
N LEU D 211 10.39 -20.44 19.54
CA LEU D 211 9.83 -19.17 20.07
C LEU D 211 9.71 -19.22 21.58
N GLY D 212 10.30 -18.23 22.27
CA GLY D 212 10.26 -18.16 23.73
C GLY D 212 9.09 -17.40 24.30
N GLU D 213 8.41 -17.99 25.29
CA GLU D 213 7.33 -17.31 26.01
C GLU D 213 7.78 -15.99 26.57
N SER D 214 7.02 -14.95 26.28
CA SER D 214 7.43 -13.61 26.69
C SER D 214 6.24 -12.68 26.81
N LEU D 215 6.41 -11.61 27.59
CA LEU D 215 5.36 -10.63 27.82
C LEU D 215 5.35 -9.58 26.71
N GLY D 216 6.46 -9.49 25.98
CA GLY D 216 6.50 -8.74 24.74
C GLY D 216 6.87 -7.27 24.80
N TYR D 217 6.32 -6.52 25.76
CA TYR D 217 6.54 -5.09 25.73
C TYR D 217 7.86 -4.74 26.40
N ILE D 218 8.43 -5.72 27.08
CA ILE D 218 9.71 -5.57 27.71
C ILE D 218 10.82 -6.37 26.97
N VAL D 219 12.00 -5.75 26.85
CA VAL D 219 13.25 -6.40 26.45
C VAL D 219 13.57 -7.62 27.34
N ASP D 220 13.34 -8.81 26.79
CA ASP D 220 13.28 -10.06 27.57
C ASP D 220 14.54 -10.95 27.47
N ALA D 221 15.58 -10.57 28.21
CA ALA D 221 16.86 -11.28 28.23
C ALA D 221 16.74 -12.73 28.69
N LYS D 222 15.85 -12.97 29.66
CA LYS D 222 15.64 -14.32 30.19
C LYS D 222 15.02 -15.31 29.19
N ALA D 223 14.02 -14.85 28.43
CA ALA D 223 13.44 -15.76 27.47
C ALA D 223 14.42 -15.93 26.30
N ALA D 224 15.17 -14.91 25.99
CA ALA D 224 16.27 -15.04 25.02
C ALA D 224 17.32 -16.13 25.39
N LYS D 225 17.61 -16.25 26.68
CA LYS D 225 18.58 -17.22 27.17
C LYS D 225 17.99 -18.59 27.00
N ALA D 226 16.71 -18.72 27.32
CA ALA D 226 16.02 -19.97 27.14
C ALA D 226 16.12 -20.41 25.68
N VAL D 227 15.83 -19.49 24.75
CA VAL D 227 15.80 -19.82 23.34
C VAL D 227 17.19 -20.11 22.87
N LEU D 228 18.14 -19.29 23.32
CA LEU D 228 19.50 -19.55 22.91
C LEU D 228 20.05 -20.86 23.53
N SER D 229 19.54 -21.26 24.70
CA SER D 229 19.99 -22.54 25.27
C SER D 229 19.53 -23.68 24.36
N ALA D 230 18.27 -23.63 23.91
CA ALA D 230 17.78 -24.69 23.02
C ALA D 230 18.57 -24.71 21.71
N VAL D 231 18.93 -23.52 21.23
CA VAL D 231 19.64 -23.40 19.98
C VAL D 231 21.06 -24.01 20.08
N THR D 232 21.82 -23.51 21.04
CA THR D 232 23.19 -23.95 21.28
C THR D 232 23.25 -25.48 21.56
N LYS D 233 22.25 -25.99 22.27
CA LYS D 233 22.10 -27.41 22.45
C LYS D 233 22.05 -28.10 21.08
N ILE D 234 21.06 -27.73 20.26
CA ILE D 234 20.91 -28.32 18.94
C ILE D 234 22.21 -28.26 18.17
N LEU D 235 22.98 -27.19 18.38
CA LEU D 235 24.23 -27.00 17.65
C LEU D 235 25.44 -27.74 18.27
N GLY D 236 25.34 -28.14 19.53
CA GLY D 236 26.48 -28.74 20.27
C GLY D 236 27.51 -27.72 20.71
N LEU D 237 27.05 -26.55 21.15
CA LEU D 237 27.93 -25.49 21.59
C LEU D 237 27.62 -25.13 23.02
N GLU D 238 28.65 -24.74 23.75
CA GLU D 238 28.52 -24.36 25.15
C GLU D 238 28.84 -22.90 25.15
N ILE D 239 27.86 -22.10 25.51
CA ILE D 239 28.03 -20.67 25.41
C ILE D 239 27.79 -20.05 26.77
N ASP D 240 28.65 -19.13 27.14
CA ASP D 240 28.47 -18.43 28.40
C ASP D 240 27.23 -17.49 28.38
N MET D 241 26.26 -17.79 29.24
CA MET D 241 24.98 -17.09 29.27
C MET D 241 24.91 -15.93 30.26
N THR D 242 26.05 -15.59 30.86
CA THR D 242 26.02 -14.67 32.00
C THR D 242 25.62 -13.24 31.65
N ALA D 243 26.05 -12.73 30.50
CA ALA D 243 25.67 -11.36 30.11
C ALA D 243 24.14 -11.23 29.96
N LEU D 244 23.48 -12.32 29.59
CA LEU D 244 22.02 -12.33 29.51
C LEU D 244 21.42 -12.41 30.90
N ASP D 245 22.01 -13.26 31.75
CA ASP D 245 21.60 -13.36 33.16
C ASP D 245 21.54 -12.01 33.84
N GLU D 246 22.60 -11.23 33.66
CA GLU D 246 22.72 -9.93 34.28
C GLU D 246 21.72 -8.94 33.71
N ARG D 247 21.45 -9.00 32.39
CA ARG D 247 20.46 -8.12 31.75
C ARG D 247 19.08 -8.41 32.31
N ALA D 248 18.76 -9.70 32.39
CA ALA D 248 17.48 -10.14 32.94
C ALA D 248 17.32 -9.73 34.40
N LYS D 249 18.44 -9.70 35.13
CA LYS D 249 18.44 -9.29 36.54
C LYS D 249 18.09 -7.82 36.62
N GLU D 250 18.82 -7.01 35.86
CA GLU D 250 18.62 -5.57 35.80
C GLU D 250 17.17 -5.22 35.45
N THR D 251 16.63 -5.81 34.38
CA THR D 251 15.30 -5.44 33.90
C THR D 251 14.18 -5.89 34.85
N GLU D 252 14.42 -6.95 35.62
CA GLU D 252 13.45 -7.46 36.61
C GLU D 252 13.36 -6.62 37.89
N GLU D 253 14.39 -5.82 38.19
CA GLU D 253 14.38 -4.88 39.32
C GLU D 253 13.96 -3.47 38.92
N ILE D 254 14.06 -3.18 37.62
CA ILE D 254 13.58 -1.94 37.04
C ILE D 254 12.06 -2.03 36.85
N LEU D 255 11.60 -3.21 36.45
CA LEU D 255 10.16 -3.49 36.36
C LEU D 255 9.49 -3.19 37.70
N ARG D 256 9.91 -3.94 38.73
CA ARG D 256 9.40 -3.78 40.11
C ARG D 256 9.21 -2.32 40.51
N LYS D 257 10.26 -1.53 40.36
CA LYS D 257 10.25 -0.14 40.80
C LYS D 257 9.45 0.80 39.89
N VAL D 258 9.29 0.43 38.62
CA VAL D 258 8.39 1.17 37.72
C VAL D 258 6.92 0.84 38.00
N GLU D 259 6.68 -0.29 38.67
CA GLU D 259 5.31 -0.68 39.09
C GLU D 259 4.97 -0.28 40.53
N GLU D 260 5.98 0.20 41.28
CA GLU D 260 5.79 0.88 42.56
C GLU D 260 5.11 2.23 42.35
N MET D 261 5.50 2.90 41.27
CA MET D 261 5.02 4.22 40.93
C MET D 261 3.67 4.21 40.20
N GLN D 262 3.32 3.09 39.58
CA GLN D 262 2.06 2.95 38.84
C GLN D 262 0.96 2.28 39.68
AU AU E . 25.86 31.60 12.36
AU AU F . 7.36 3.46 -8.28
AU AU G . 11.26 11.05 0.88
AU AU H . 11.79 17.85 8.85
AU AU I . -24.32 29.30 -20.06
AU AU J . -7.70 9.23 -10.69
AU AU K . -0.29 -0.87 -11.44
AU AU L . -1.64 26.39 -25.26
AU AU M . -14.64 16.15 -7.69
AU AU N . -31.89 -28.23 -3.99
AU AU O . 2.33 -8.65 -7.10
AU AU P . -9.42 -12.05 -4.10
AU AU Q . -18.29 -14.46 0.75
AU AU R . 19.89 -26.54 27.14
AU AU S . 34.69 -16.73 12.25
AU AU T . 10.02 -4.11 -3.93
AU AU U . 9.83 -10.24 7.09
AU AU V . 8.80 -12.74 16.95
#